data_5KGT
#
_entry.id   5KGT
#
_cell.length_a   63.024
_cell.length_b   66.085
_cell.length_c   202.147
_cell.angle_alpha   90.000
_cell.angle_beta   90.000
_cell.angle_gamma   90.000
#
_symmetry.space_group_name_H-M   'P 21 21 21'
#
loop_
_entity.id
_entity.type
_entity.pdbx_description
1 polymer 'Adenosylmethionine-8-amino-7-oxononanoate aminotransferase'
2 non-polymer "PYRIDOXAL-5'-PHOSPHATE"
3 non-polymer 1-[4-[4-(3-chlorophenyl)carbonylpiperidin-1-yl]phenyl]ethanone
4 water water
#
_entity_poly.entity_id   1
_entity_poly.type   'polypeptide(L)'
_entity_poly.pdbx_seq_one_letter_code
;MGSSHHHHHHSSGLVPRGSHMAAATGGLTPEQIIAVDGAHLWHPYSSIGREAVSPVVAVAAHGAWLTLIRDGQPIEVLDA
MSSWWTAIHGHGHPALDQALTTQLRVMNHVMFGGLTHEPAARLAKLLVDITPAGLDTVFFSDSGSVSVEVAAKMALQYWR
GRGLPGKRRLMTWRGGYHGDTFLAMSICDPHGGMHSLWTDVLAAQVFAPQVPRDYDPAYSAAFEAQLAQHAGELAAVVVE
PVVQGAGGMRFHDPRYLHDLRDICRRYEVLLIFDEIATGFGRTGALFAADHAGVSPDIMCVGKALTGGYLSLAATLCTAD
VAHTISAGAAGALMHGPTFMANPLACAVSVASVELLLGQDWRTRITELAAGLTAGLDTARALPAVTDVRVCGAIGVIECD
RPVDLAVATPAALDRGVWLRPFRNLVYAMPPYICTPAEITQITSAMVEVARLVGSLP
;
_entity_poly.pdbx_strand_id   A,B
#
# COMPACT_ATOMS: atom_id res chain seq x y z
N LEU A 28 7.82 20.41 17.44
CA LEU A 28 7.05 20.05 18.63
C LEU A 28 7.90 19.36 19.65
N THR A 29 7.62 19.60 20.92
CA THR A 29 8.30 18.89 21.99
C THR A 29 7.74 17.49 22.08
N PRO A 30 8.41 16.59 22.80
CA PRO A 30 7.80 15.29 23.08
C PRO A 30 6.42 15.39 23.70
N GLU A 31 6.23 16.29 24.68
CA GLU A 31 4.92 16.41 25.31
C GLU A 31 3.87 16.86 24.30
N GLN A 32 4.22 17.80 23.43
CA GLN A 32 3.27 18.22 22.42
C GLN A 32 2.93 17.08 21.46
N ILE A 33 3.96 16.31 21.06
CA ILE A 33 3.74 15.12 20.25
C ILE A 33 2.78 14.17 20.94
N ILE A 34 2.98 13.94 22.25
CA ILE A 34 2.11 13.04 23.00
C ILE A 34 0.66 13.53 22.98
N ALA A 35 0.47 14.84 23.14
CA ALA A 35 -0.89 15.38 23.15
C ALA A 35 -1.55 15.21 21.78
N VAL A 36 -0.87 15.65 20.71
CA VAL A 36 -1.40 15.45 19.36
C VAL A 36 -1.68 13.98 19.09
N ASP A 37 -0.74 13.11 19.45
CA ASP A 37 -0.89 11.69 19.15
C ASP A 37 -2.10 11.10 19.85
N GLY A 38 -2.24 11.33 21.15
CA GLY A 38 -3.38 10.76 21.87
C GLY A 38 -4.71 11.24 21.33
N ALA A 39 -4.75 12.45 20.78
CA ALA A 39 -5.97 13.05 20.26
C ALA A 39 -6.30 12.63 18.84
N HIS A 40 -5.30 12.45 17.98
CA HIS A 40 -5.55 12.40 16.55
C HIS A 40 -4.96 11.22 15.79
N LEU A 41 -4.12 10.40 16.39
CA LEU A 41 -3.47 9.34 15.65
C LEU A 41 -4.04 7.99 16.06
N TRP A 42 -4.44 7.20 15.06
CA TRP A 42 -4.58 5.77 15.24
C TRP A 42 -3.22 5.11 15.15
N HIS A 43 -3.00 4.11 15.97
CA HIS A 43 -1.82 3.26 15.96
C HIS A 43 -2.22 1.84 15.53
N PRO A 44 -1.26 0.98 15.22
CA PRO A 44 -1.62 -0.35 14.72
C PRO A 44 -2.47 -1.13 15.72
N TYR A 45 -3.53 -1.77 15.22
CA TYR A 45 -4.48 -2.59 16.00
C TYR A 45 -4.77 -1.97 17.37
N SER A 46 -5.16 -0.71 17.35
CA SER A 46 -5.33 0.07 18.58
C SER A 46 -6.71 0.68 18.62
N SER A 47 -7.02 1.28 19.75
CA SER A 47 -8.19 2.11 19.93
C SER A 47 -7.75 3.56 19.90
N ILE A 48 -8.73 4.46 19.97
CA ILE A 48 -8.50 5.87 20.24
C ILE A 48 -8.91 6.12 21.68
N GLY A 49 -8.01 6.73 22.47
CA GLY A 49 -8.31 7.11 23.83
C GLY A 49 -8.54 5.97 24.79
N ARG A 50 -8.24 4.72 24.40
CA ARG A 50 -8.38 3.58 25.30
C ARG A 50 -7.10 2.76 25.37
N GLU A 51 -5.97 3.37 24.99
CA GLU A 51 -4.68 2.68 24.98
C GLU A 51 -4.21 2.42 26.41
N ALA A 52 -4.00 1.14 26.74
CA ALA A 52 -3.48 0.82 28.07
C ALA A 52 -2.13 1.49 28.31
N VAL A 53 -1.39 1.78 27.24
CA VAL A 53 -0.09 2.44 27.34
C VAL A 53 -0.03 3.57 26.33
N SER A 54 0.66 4.64 26.70
CA SER A 54 0.94 5.66 25.71
C SER A 54 2.11 5.22 24.85
N PRO A 55 2.16 5.67 23.59
CA PRO A 55 3.34 5.38 22.78
C PRO A 55 4.51 6.19 23.28
N VAL A 56 5.70 5.69 23.03
CA VAL A 56 6.92 6.39 23.40
C VAL A 56 7.40 7.19 22.20
N VAL A 57 7.73 8.47 22.43
CA VAL A 57 8.17 9.34 21.35
C VAL A 57 9.57 8.94 20.92
N ALA A 58 9.72 8.62 19.64
CA ALA A 58 11.03 8.37 19.04
C ALA A 58 11.49 9.63 18.35
N VAL A 59 12.76 10.01 18.56
CA VAL A 59 13.28 11.25 18.01
C VAL A 59 14.48 11.06 17.11
N ALA A 60 15.04 9.86 17.03
CA ALA A 60 16.19 9.64 16.16
C ALA A 60 16.38 8.15 15.98
N ALA A 61 17.07 7.78 14.92
CA ALA A 61 17.40 6.39 14.68
C ALA A 61 18.67 6.37 13.84
N HIS A 62 19.67 5.64 14.32
CA HIS A 62 20.96 5.58 13.62
C HIS A 62 21.53 4.20 13.88
N GLY A 63 21.86 3.51 12.80
CA GLY A 63 22.35 2.14 12.95
C GLY A 63 21.33 1.28 13.67
N ALA A 64 21.81 0.52 14.66
CA ALA A 64 20.98 -0.43 15.38
C ALA A 64 20.21 0.21 16.54
N TRP A 65 20.28 1.54 16.69
CA TRP A 65 19.83 2.23 17.88
C TRP A 65 18.71 3.22 17.58
N LEU A 66 17.72 3.26 18.46
CA LEU A 66 16.70 4.30 18.49
C LEU A 66 16.97 5.27 19.62
N THR A 67 16.70 6.55 19.39
CA THR A 67 16.66 7.52 20.47
C THR A 67 15.22 7.75 20.87
N LEU A 68 14.86 7.33 22.09
CA LEU A 68 13.52 7.47 22.61
C LEU A 68 13.52 8.43 23.79
N ILE A 69 12.37 9.06 24.03
CA ILE A 69 12.20 9.98 25.15
C ILE A 69 11.58 9.21 26.30
N ARG A 70 12.31 9.10 27.40
CA ARG A 70 11.81 8.46 28.61
C ARG A 70 11.97 9.41 29.78
N ASP A 71 10.87 9.71 30.47
CA ASP A 71 10.85 10.67 31.57
C ASP A 71 11.61 11.95 31.20
N GLY A 72 11.13 12.55 30.11
CA GLY A 72 11.70 13.80 29.63
C GLY A 72 13.12 13.72 29.11
N GLN A 73 13.72 12.53 29.06
CA GLN A 73 15.12 12.44 28.66
C GLN A 73 15.31 11.50 27.47
N PRO A 74 16.25 11.80 26.59
CA PRO A 74 16.52 10.88 25.47
C PRO A 74 17.42 9.73 25.90
N ILE A 75 17.10 8.52 25.42
CA ILE A 75 17.92 7.34 25.69
C ILE A 75 18.16 6.54 24.41
N GLU A 76 19.31 5.88 24.36
CA GLU A 76 19.68 4.99 23.28
C GLU A 76 19.25 3.58 23.63
N VAL A 77 18.43 2.96 22.79
CA VAL A 77 18.06 1.57 22.99
C VAL A 77 18.23 0.82 21.68
N LEU A 78 18.52 -0.48 21.79
CA LEU A 78 18.68 -1.30 20.60
C LEU A 78 17.33 -1.60 19.96
N ASP A 79 17.28 -1.53 18.63
CA ASP A 79 16.05 -1.82 17.87
C ASP A 79 16.02 -3.33 17.62
N ALA A 80 15.64 -4.05 18.67
CA ALA A 80 15.64 -5.52 18.60
C ALA A 80 14.61 -6.06 17.63
N MET A 81 13.56 -5.28 17.33
CA MET A 81 12.51 -5.65 16.40
C MET A 81 12.84 -5.29 14.95
N SER A 82 13.95 -4.58 14.71
CA SER A 82 14.27 -4.02 13.39
C SER A 82 13.10 -3.23 12.83
N SER A 83 12.40 -2.51 13.70
CA SER A 83 11.27 -1.66 13.31
C SER A 83 10.27 -2.47 12.48
N TRP A 84 9.77 -3.53 13.12
CA TRP A 84 8.85 -4.48 12.52
C TRP A 84 9.47 -5.20 11.32
N TRP A 85 10.71 -5.66 11.51
CA TRP A 85 11.36 -6.67 10.67
C TRP A 85 11.79 -6.06 9.34
N THR A 86 12.04 -4.77 9.32
CA THR A 86 12.40 -4.06 8.11
C THR A 86 13.84 -3.60 8.06
N ALA A 87 14.40 -3.14 9.18
CA ALA A 87 15.68 -2.43 9.21
C ALA A 87 16.89 -3.38 9.25
N ILE A 88 17.02 -4.20 8.21
CA ILE A 88 18.02 -5.28 8.24
C ILE A 88 19.44 -4.74 8.26
N HIS A 89 19.68 -3.57 7.68
CA HIS A 89 21.00 -2.94 7.70
C HIS A 89 21.11 -1.86 8.76
N GLY A 90 20.16 -1.79 9.69
CA GLY A 90 20.11 -0.70 10.63
C GLY A 90 19.60 0.58 9.99
N HIS A 91 19.30 1.59 10.79
CA HIS A 91 18.83 2.88 10.29
C HIS A 91 19.98 3.75 9.84
N GLY A 92 19.74 4.58 8.84
CA GLY A 92 20.73 5.58 8.46
C GLY A 92 22.01 4.98 7.95
N HIS A 93 21.92 3.86 7.22
CA HIS A 93 23.10 3.30 6.61
C HIS A 93 23.59 4.22 5.50
N PRO A 94 24.87 4.61 5.50
CA PRO A 94 25.34 5.58 4.49
C PRO A 94 25.05 5.15 3.06
N ALA A 95 25.21 3.85 2.75
CA ALA A 95 24.93 3.36 1.40
C ALA A 95 23.47 3.54 1.01
N LEU A 96 22.55 3.38 1.95
CA LEU A 96 21.13 3.55 1.60
C LEU A 96 20.73 5.02 1.64
N ASP A 97 21.23 5.78 2.62
CA ASP A 97 21.03 7.22 2.61
C ASP A 97 21.43 7.81 1.26
N GLN A 98 22.64 7.49 0.81
CA GLN A 98 23.15 8.09 -0.43
C GLN A 98 22.34 7.65 -1.64
N ALA A 99 21.97 6.37 -1.70
CA ALA A 99 21.15 5.94 -2.82
C ALA A 99 19.85 6.73 -2.88
N LEU A 100 19.32 7.08 -1.70
CA LEU A 100 18.10 7.89 -1.66
C LEU A 100 18.37 9.30 -2.14
N THR A 101 19.40 9.97 -1.60
CA THR A 101 19.68 11.33 -2.03
C THR A 101 20.11 11.39 -3.49
N THR A 102 20.82 10.38 -3.96
CA THR A 102 21.22 10.38 -5.35
C THR A 102 20.01 10.27 -6.27
N GLN A 103 19.06 9.39 -5.96
CA GLN A 103 17.88 9.35 -6.80
C GLN A 103 17.06 10.62 -6.65
N LEU A 104 17.03 11.21 -5.45
CA LEU A 104 16.25 12.44 -5.25
C LEU A 104 16.71 13.56 -6.18
N ARG A 105 17.99 13.55 -6.56
CA ARG A 105 18.56 14.62 -7.38
C ARG A 105 18.12 14.53 -8.83
N VAL A 106 17.84 13.33 -9.34
CA VAL A 106 17.56 13.15 -10.76
C VAL A 106 16.07 13.03 -11.05
N MET A 107 15.30 12.38 -10.16
CA MET A 107 13.91 12.07 -10.44
C MET A 107 13.20 11.47 -9.23
N ASN A 108 12.29 12.23 -8.61
CA ASN A 108 11.63 11.70 -7.41
C ASN A 108 10.69 10.55 -7.75
N HIS A 109 9.94 10.68 -8.84
CA HIS A 109 8.86 9.76 -9.19
C HIS A 109 8.34 10.15 -10.57
N VAL A 110 8.04 9.15 -11.40
CA VAL A 110 7.14 9.35 -12.54
C VAL A 110 6.09 8.26 -12.52
N MET A 111 4.98 8.50 -13.21
CA MET A 111 3.96 7.47 -13.34
C MET A 111 4.49 6.29 -14.14
N PHE A 112 4.15 5.09 -13.71
CA PHE A 112 4.60 3.88 -14.40
C PHE A 112 3.68 3.45 -15.52
N GLY A 113 2.59 4.16 -15.74
CA GLY A 113 1.76 3.92 -16.90
C GLY A 113 2.31 4.59 -18.15
N GLY A 114 2.86 3.80 -19.07
CA GLY A 114 3.47 4.33 -20.28
C GLY A 114 4.96 4.65 -20.18
N LEU A 115 5.55 4.56 -18.99
CA LEU A 115 6.93 4.96 -18.75
C LEU A 115 7.66 3.89 -17.95
N THR A 116 8.97 3.86 -18.09
CA THR A 116 9.81 2.97 -17.32
C THR A 116 11.09 3.70 -16.95
N HIS A 117 11.85 3.17 -16.00
CA HIS A 117 13.02 3.91 -15.53
C HIS A 117 14.04 2.96 -14.95
N GLU A 118 15.23 3.52 -14.70
CA GLU A 118 16.38 2.70 -14.33
C GLU A 118 16.20 2.01 -12.98
N PRO A 119 15.79 2.67 -11.90
CA PRO A 119 15.71 1.94 -10.63
C PRO A 119 14.73 0.78 -10.69
N ALA A 120 13.69 0.86 -11.49
CA ALA A 120 12.75 -0.25 -11.62
C ALA A 120 13.38 -1.41 -12.37
N ALA A 121 14.10 -1.11 -13.44
CA ALA A 121 14.76 -2.15 -14.23
C ALA A 121 15.84 -2.85 -13.43
N ARG A 122 16.67 -2.08 -12.74
CA ARG A 122 17.73 -2.69 -11.94
C ARG A 122 17.16 -3.55 -10.83
N LEU A 123 16.16 -3.03 -10.11
CA LEU A 123 15.59 -3.78 -9.01
C LEU A 123 14.95 -5.06 -9.50
N ALA A 124 14.26 -4.99 -10.66
CA ALA A 124 13.62 -6.18 -11.20
C ALA A 124 14.65 -7.20 -11.65
N LYS A 125 15.71 -6.75 -12.32
CA LYS A 125 16.79 -7.66 -12.70
C LYS A 125 17.40 -8.32 -11.47
N LEU A 126 17.63 -7.54 -10.40
CA LEU A 126 18.12 -8.08 -9.14
C LEU A 126 17.17 -9.16 -8.59
N LEU A 127 15.89 -8.82 -8.46
CA LEU A 127 14.97 -9.74 -7.80
C LEU A 127 14.78 -11.00 -8.62
N VAL A 128 14.72 -10.87 -9.94
CA VAL A 128 14.56 -12.04 -10.79
C VAL A 128 15.77 -12.96 -10.66
N ASP A 129 16.95 -12.37 -10.47
CA ASP A 129 18.16 -13.18 -10.42
C ASP A 129 18.36 -13.88 -9.09
N ILE A 130 17.86 -13.31 -7.99
CA ILE A 130 18.14 -13.87 -6.68
C ILE A 130 16.96 -14.65 -6.08
N THR A 131 15.75 -14.49 -6.59
CA THR A 131 14.61 -15.24 -6.06
C THR A 131 14.68 -16.67 -6.56
N PRO A 132 13.89 -17.58 -5.98
CA PRO A 132 13.90 -18.97 -6.46
C PRO A 132 13.70 -19.04 -7.96
N ALA A 133 14.31 -20.06 -8.57
CA ALA A 133 14.42 -20.12 -10.03
C ALA A 133 13.05 -20.11 -10.66
N GLY A 134 12.96 -19.48 -11.83
CA GLY A 134 11.73 -19.47 -12.60
C GLY A 134 10.82 -18.30 -12.31
N LEU A 135 11.16 -17.45 -11.34
CA LEU A 135 10.37 -16.26 -11.06
C LEU A 135 10.94 -15.13 -11.92
N ASP A 136 10.26 -14.84 -13.04
CA ASP A 136 10.77 -14.00 -14.10
C ASP A 136 10.12 -12.63 -14.26
N THR A 137 8.95 -12.37 -13.67
CA THR A 137 8.29 -11.09 -13.85
C THR A 137 7.95 -10.47 -12.50
N VAL A 138 7.89 -9.14 -12.47
CA VAL A 138 7.87 -8.38 -11.23
C VAL A 138 6.79 -7.31 -11.29
N PHE A 139 5.84 -7.36 -10.35
CA PHE A 139 4.80 -6.35 -10.17
C PHE A 139 5.09 -5.60 -8.87
N PHE A 140 5.48 -4.34 -8.99
CA PHE A 140 5.71 -3.53 -7.81
C PHE A 140 4.41 -2.95 -7.28
N SER A 141 4.30 -2.90 -5.96
CA SER A 141 3.20 -2.23 -5.29
C SER A 141 3.76 -1.57 -4.04
N ASP A 142 2.87 -1.08 -3.18
CA ASP A 142 3.32 -0.20 -2.12
C ASP A 142 3.25 -0.82 -0.73
N SER A 143 2.72 -2.03 -0.58
CA SER A 143 2.72 -2.69 0.72
C SER A 143 2.55 -4.19 0.58
N GLY A 144 2.95 -4.89 1.64
CA GLY A 144 2.82 -6.33 1.61
C GLY A 144 1.39 -6.82 1.42
N SER A 145 0.43 -6.13 2.07
CA SER A 145 -0.97 -6.55 1.89
C SER A 145 -1.38 -6.45 0.43
N VAL A 146 -1.05 -5.34 -0.23
CA VAL A 146 -1.42 -5.18 -1.63
C VAL A 146 -0.74 -6.25 -2.48
N SER A 147 0.54 -6.54 -2.20
CA SER A 147 1.23 -7.55 -3.01
C SER A 147 0.59 -8.92 -2.86
N VAL A 148 0.00 -9.21 -1.69
CA VAL A 148 -0.73 -10.47 -1.52
C VAL A 148 -2.01 -10.47 -2.36
N GLU A 149 -2.74 -9.35 -2.38
CA GLU A 149 -3.90 -9.26 -3.26
C GLU A 149 -3.48 -9.40 -4.72
N VAL A 150 -2.32 -8.84 -5.08
CA VAL A 150 -1.85 -8.95 -6.45
C VAL A 150 -1.59 -10.41 -6.79
N ALA A 151 -0.98 -11.15 -5.85
CA ALA A 151 -0.71 -12.58 -6.04
C ALA A 151 -1.99 -13.37 -6.27
N ALA A 152 -3.00 -13.17 -5.41
CA ALA A 152 -4.27 -13.85 -5.60
C ALA A 152 -4.89 -13.46 -6.93
N LYS A 153 -4.78 -12.18 -7.30
CA LYS A 153 -5.31 -11.73 -8.58
C LYS A 153 -4.59 -12.40 -9.73
N MET A 154 -3.26 -12.57 -9.62
CA MET A 154 -2.53 -13.29 -10.63
C MET A 154 -3.05 -14.71 -10.73
N ALA A 155 -3.23 -15.38 -9.59
CA ALA A 155 -3.65 -16.77 -9.63
C ALA A 155 -5.03 -16.91 -10.23
N LEU A 156 -5.96 -16.00 -9.86
CA LEU A 156 -7.33 -16.09 -10.38
C LEU A 156 -7.36 -15.81 -11.87
N GLN A 157 -6.70 -14.74 -12.32
CA GLN A 157 -6.63 -14.44 -13.74
C GLN A 157 -5.93 -15.53 -14.52
N TYR A 158 -4.98 -16.22 -13.90
CA TYR A 158 -4.32 -17.35 -14.57
C TYR A 158 -5.32 -18.43 -14.94
N TRP A 159 -6.11 -18.89 -13.96
CA TRP A 159 -7.02 -19.99 -14.24
C TRP A 159 -8.14 -19.54 -15.15
N ARG A 160 -8.54 -18.27 -15.06
CA ARG A 160 -9.49 -17.77 -16.04
C ARG A 160 -8.88 -17.78 -17.44
N GLY A 161 -7.59 -17.44 -17.53
CA GLY A 161 -6.89 -17.61 -18.78
C GLY A 161 -6.90 -19.05 -19.30
N ARG A 162 -6.96 -20.03 -18.41
CA ARG A 162 -6.93 -21.44 -18.81
C ARG A 162 -8.32 -22.02 -19.00
N GLY A 163 -9.36 -21.19 -18.95
CA GLY A 163 -10.71 -21.67 -19.10
C GLY A 163 -11.25 -22.39 -17.89
N LEU A 164 -10.64 -22.18 -16.73
CA LEU A 164 -11.04 -22.85 -15.49
C LEU A 164 -11.41 -21.80 -14.44
N PRO A 165 -12.45 -21.00 -14.68
CA PRO A 165 -12.77 -19.92 -13.74
C PRO A 165 -13.37 -20.38 -12.43
N GLY A 166 -13.66 -21.68 -12.29
CA GLY A 166 -14.08 -22.20 -10.99
C GLY A 166 -12.95 -22.39 -10.00
N LYS A 167 -11.70 -22.42 -10.47
CA LYS A 167 -10.55 -22.41 -9.56
C LYS A 167 -10.39 -20.99 -9.02
N ARG A 168 -11.14 -20.69 -7.95
CA ARG A 168 -11.16 -19.35 -7.39
C ARG A 168 -10.93 -19.28 -5.88
N ARG A 169 -10.85 -20.41 -5.19
CA ARG A 169 -10.61 -20.37 -3.75
C ARG A 169 -9.13 -20.55 -3.44
N LEU A 170 -8.79 -20.28 -2.19
CA LEU A 170 -7.43 -20.42 -1.70
C LEU A 170 -7.37 -21.45 -0.58
N MET A 171 -6.25 -22.16 -0.51
CA MET A 171 -5.99 -23.06 0.59
C MET A 171 -4.73 -22.62 1.33
N THR A 172 -4.73 -22.84 2.64
CA THR A 172 -3.56 -22.55 3.44
C THR A 172 -3.63 -23.41 4.69
N TRP A 173 -2.60 -23.31 5.54
CA TRP A 173 -2.59 -23.98 6.82
C TRP A 173 -2.77 -22.94 7.92
N ARG A 174 -3.36 -23.38 9.03
CA ARG A 174 -3.62 -22.48 10.14
C ARG A 174 -2.32 -21.87 10.66
N GLY A 175 -2.48 -20.77 11.41
CA GLY A 175 -1.37 -20.08 12.02
C GLY A 175 -0.71 -19.01 11.17
N GLY A 176 -1.20 -18.77 9.96
CA GLY A 176 -0.55 -17.83 9.06
C GLY A 176 -1.01 -16.39 9.20
N TYR A 177 -0.25 -15.50 8.56
CA TYR A 177 -0.62 -14.10 8.45
C TYR A 177 -0.17 -13.57 7.09
N HIS A 178 -1.05 -12.78 6.46
CA HIS A 178 -0.74 -12.26 5.12
C HIS A 178 -1.21 -10.82 4.91
N GLY A 179 -1.50 -10.07 5.96
CA GLY A 179 -1.87 -8.67 5.81
C GLY A 179 -3.28 -8.39 6.26
N ASP A 180 -3.65 -7.11 6.13
CA ASP A 180 -4.87 -6.60 6.73
C ASP A 180 -5.93 -6.21 5.73
N THR A 181 -5.64 -6.25 4.43
CA THR A 181 -6.74 -6.02 3.49
C THR A 181 -7.62 -7.28 3.43
N PHE A 182 -8.84 -7.10 2.89
CA PHE A 182 -9.89 -8.09 3.11
C PHE A 182 -9.63 -9.42 2.41
N LEU A 183 -9.07 -9.44 1.21
CA LEU A 183 -8.66 -10.74 0.67
C LEU A 183 -7.54 -11.35 1.49
N ALA A 184 -6.54 -10.55 1.86
CA ALA A 184 -5.44 -11.05 2.68
C ALA A 184 -5.94 -11.59 4.02
N MET A 185 -6.92 -10.88 4.62
CA MET A 185 -7.51 -11.36 5.87
C MET A 185 -8.09 -12.75 5.73
N SER A 186 -8.63 -13.09 4.56
CA SER A 186 -9.34 -14.35 4.40
C SER A 186 -8.43 -15.56 4.53
N ILE A 187 -7.11 -15.40 4.40
CA ILE A 187 -6.18 -16.51 4.59
C ILE A 187 -5.35 -16.36 5.86
N CYS A 188 -5.63 -15.35 6.68
CA CYS A 188 -5.00 -15.28 7.99
C CYS A 188 -5.70 -16.25 8.94
N ASP A 189 -4.95 -16.72 9.93
CA ASP A 189 -5.43 -17.72 10.87
C ASP A 189 -6.81 -17.31 11.43
N PRO A 190 -7.83 -18.15 11.29
CA PRO A 190 -9.19 -17.72 11.67
C PRO A 190 -9.36 -17.38 13.15
N HIS A 191 -8.38 -17.68 14.01
CA HIS A 191 -8.36 -17.18 15.38
C HIS A 191 -7.46 -15.94 15.50
N GLY A 192 -6.23 -16.04 15.00
CA GLY A 192 -5.33 -14.89 15.06
C GLY A 192 -5.88 -13.65 14.37
N GLY A 193 -6.61 -13.85 13.27
CA GLY A 193 -7.27 -12.75 12.58
C GLY A 193 -8.71 -12.49 13.02
N MET A 194 -9.17 -13.12 14.10
CA MET A 194 -10.48 -12.86 14.67
C MET A 194 -11.60 -13.04 13.65
N HIS A 195 -11.45 -14.06 12.79
CA HIS A 195 -12.41 -14.28 11.72
C HIS A 195 -13.83 -14.44 12.23
N SER A 196 -14.00 -14.83 13.50
CA SER A 196 -15.31 -14.76 14.14
C SER A 196 -15.88 -13.36 14.03
N LEU A 197 -15.01 -12.35 14.14
CA LEU A 197 -15.43 -10.97 13.99
C LEU A 197 -15.65 -10.56 12.54
N TRP A 198 -15.30 -11.41 11.56
CA TRP A 198 -15.36 -11.03 10.15
C TRP A 198 -16.10 -12.06 9.29
N THR A 199 -17.07 -12.76 9.85
CA THR A 199 -17.86 -13.67 9.04
C THR A 199 -18.89 -12.88 8.23
N ASP A 200 -19.37 -13.52 7.14
CA ASP A 200 -20.28 -12.94 6.15
C ASP A 200 -19.55 -11.91 5.30
N VAL A 201 -18.42 -11.41 5.79
CA VAL A 201 -17.65 -10.41 5.10
C VAL A 201 -16.49 -11.02 4.32
N LEU A 202 -15.78 -11.98 4.91
CA LEU A 202 -14.58 -12.53 4.33
C LEU A 202 -14.91 -13.69 3.39
N ALA A 203 -14.15 -13.79 2.29
CA ALA A 203 -14.24 -14.96 1.45
C ALA A 203 -13.86 -16.20 2.26
N ALA A 204 -14.55 -17.31 1.99
CA ALA A 204 -14.38 -18.52 2.77
C ALA A 204 -13.33 -19.39 2.08
N GLN A 205 -12.20 -19.54 2.73
CA GLN A 205 -11.05 -20.22 2.16
C GLN A 205 -10.90 -21.60 2.81
N VAL A 206 -9.95 -22.37 2.29
CA VAL A 206 -9.72 -23.75 2.71
C VAL A 206 -8.54 -23.77 3.67
N PHE A 207 -8.79 -24.19 4.92
CA PHE A 207 -7.78 -24.18 5.96
C PHE A 207 -7.38 -25.60 6.36
N ALA A 208 -6.11 -25.92 6.21
CA ALA A 208 -5.52 -27.14 6.76
C ALA A 208 -5.10 -26.88 8.21
N PRO A 209 -4.88 -27.94 9.00
CA PRO A 209 -4.50 -27.72 10.41
C PRO A 209 -3.13 -27.08 10.50
N GLN A 210 -2.80 -26.63 11.70
CA GLN A 210 -1.51 -25.98 11.95
C GLN A 210 -0.36 -26.90 11.52
N VAL A 211 0.54 -26.39 10.69
CA VAL A 211 1.66 -27.25 10.28
C VAL A 211 2.61 -27.46 11.47
N PRO A 212 2.94 -28.70 11.82
CA PRO A 212 3.82 -28.94 12.97
C PRO A 212 5.25 -28.48 12.71
N ARG A 213 6.02 -28.42 13.79
CA ARG A 213 7.42 -28.04 13.69
C ARG A 213 8.28 -29.17 13.14
N ASP A 214 8.16 -30.36 13.73
CA ASP A 214 8.91 -31.50 13.23
C ASP A 214 8.21 -32.07 12.01
N TYR A 215 9.01 -32.62 11.09
CA TYR A 215 8.45 -33.18 9.88
C TYR A 215 7.69 -34.46 10.21
N ASP A 216 6.40 -34.45 9.88
CA ASP A 216 5.53 -35.60 10.10
C ASP A 216 4.88 -35.94 8.77
N PRO A 217 5.28 -37.03 8.11
CA PRO A 217 4.73 -37.33 6.77
C PRO A 217 3.22 -37.45 6.75
N ALA A 218 2.60 -37.75 7.89
CA ALA A 218 1.15 -37.88 7.93
C ALA A 218 0.44 -36.54 7.72
N TYR A 219 1.01 -35.45 8.27
CA TYR A 219 0.43 -34.13 8.04
C TYR A 219 0.36 -33.80 6.55
N SER A 220 1.44 -34.09 5.81
CA SER A 220 1.42 -33.89 4.38
C SER A 220 0.35 -34.76 3.70
N ALA A 221 0.26 -36.03 4.09
CA ALA A 221 -0.75 -36.90 3.51
C ALA A 221 -2.15 -36.33 3.69
N ALA A 222 -2.45 -35.87 4.91
CA ALA A 222 -3.78 -35.29 5.17
C ALA A 222 -3.97 -33.96 4.44
N PHE A 223 -2.90 -33.17 4.29
CA PHE A 223 -3.00 -31.94 3.52
C PHE A 223 -3.37 -32.25 2.07
N GLU A 224 -2.67 -33.20 1.47
CA GLU A 224 -3.01 -33.65 0.13
C GLU A 224 -4.46 -34.12 0.05
N ALA A 225 -4.90 -34.90 1.04
CA ALA A 225 -6.24 -35.46 1.02
C ALA A 225 -7.29 -34.36 1.09
N GLN A 226 -7.05 -33.34 1.92
CA GLN A 226 -7.97 -32.20 1.95
C GLN A 226 -7.92 -31.42 0.64
N LEU A 227 -6.72 -31.20 0.09
CA LEU A 227 -6.60 -30.47 -1.17
C LEU A 227 -7.26 -31.22 -2.32
N ALA A 228 -7.21 -32.55 -2.28
CA ALA A 228 -7.85 -33.35 -3.32
C ALA A 228 -9.34 -33.08 -3.38
N GLN A 229 -9.98 -32.94 -2.22
CA GLN A 229 -11.41 -32.67 -2.21
C GLN A 229 -11.77 -31.27 -2.68
N HIS A 230 -10.80 -30.42 -3.00
CA HIS A 230 -11.08 -29.06 -3.45
C HIS A 230 -10.33 -28.63 -4.70
N ALA A 231 -9.55 -29.52 -5.33
CA ALA A 231 -8.63 -29.06 -6.37
C ALA A 231 -9.34 -28.22 -7.42
N GLY A 232 -10.50 -28.67 -7.88
CA GLY A 232 -11.21 -28.00 -8.96
C GLY A 232 -11.75 -26.62 -8.61
N GLU A 233 -11.77 -26.26 -7.33
CA GLU A 233 -12.18 -24.92 -6.93
C GLU A 233 -11.03 -24.12 -6.32
N LEU A 234 -9.82 -24.66 -6.34
CA LEU A 234 -8.67 -24.03 -5.72
C LEU A 234 -7.81 -23.37 -6.80
N ALA A 235 -7.58 -22.08 -6.65
CA ALA A 235 -6.62 -21.39 -7.51
C ALA A 235 -5.19 -21.59 -7.03
N ALA A 236 -4.97 -21.60 -5.71
CA ALA A 236 -3.61 -21.68 -5.19
C ALA A 236 -3.59 -22.09 -3.73
N VAL A 237 -2.46 -22.70 -3.34
CA VAL A 237 -2.01 -22.77 -1.95
C VAL A 237 -1.16 -21.53 -1.70
N VAL A 238 -1.41 -20.83 -0.58
CA VAL A 238 -0.67 -19.66 -0.13
C VAL A 238 -0.19 -19.94 1.29
N VAL A 239 1.13 -19.91 1.52
CA VAL A 239 1.69 -20.10 2.85
C VAL A 239 2.90 -19.19 3.03
N GLU A 240 3.22 -18.87 4.30
CA GLU A 240 4.55 -18.40 4.66
C GLU A 240 5.51 -19.58 4.75
N PRO A 241 6.67 -19.52 4.09
CA PRO A 241 7.58 -20.68 4.12
C PRO A 241 8.52 -20.68 5.30
N VAL A 242 8.57 -21.82 6.00
CA VAL A 242 9.50 -22.11 7.09
C VAL A 242 9.15 -21.36 8.38
N VAL A 243 8.83 -20.06 8.28
CA VAL A 243 8.54 -19.25 9.46
C VAL A 243 7.20 -18.55 9.29
N GLN A 244 6.30 -18.77 10.23
CA GLN A 244 5.05 -18.02 10.30
C GLN A 244 5.26 -16.91 11.31
N GLY A 245 5.15 -15.66 10.84
CA GLY A 245 5.53 -14.53 11.67
C GLY A 245 4.46 -14.05 12.61
N ALA A 246 3.58 -13.17 12.15
CA ALA A 246 2.61 -12.53 13.03
C ALA A 246 1.59 -13.50 13.61
N GLY A 247 1.33 -14.61 12.93
CA GLY A 247 0.42 -15.58 13.52
C GLY A 247 0.98 -16.38 14.68
N GLY A 248 2.25 -16.19 15.06
CA GLY A 248 2.79 -16.90 16.22
C GLY A 248 4.26 -17.27 16.24
N MET A 249 5.09 -16.70 15.36
CA MET A 249 6.53 -16.99 15.30
C MET A 249 6.82 -18.49 15.36
N ARG A 250 6.06 -19.28 14.61
CA ARG A 250 6.23 -20.72 14.57
C ARG A 250 7.13 -21.12 13.41
N PHE A 251 7.97 -22.12 13.65
CA PHE A 251 8.86 -22.68 12.65
C PHE A 251 8.32 -24.04 12.21
N HIS A 252 8.56 -24.39 10.95
CA HIS A 252 8.24 -25.74 10.52
C HIS A 252 9.34 -26.24 9.60
N ASP A 253 9.42 -27.55 9.52
CA ASP A 253 10.50 -28.20 8.79
C ASP A 253 10.41 -27.87 7.30
N PRO A 254 11.52 -27.46 6.67
CA PRO A 254 11.46 -27.07 5.26
C PRO A 254 10.86 -28.13 4.34
N ARG A 255 10.96 -29.42 4.68
CA ARG A 255 10.49 -30.44 3.74
C ARG A 255 8.98 -30.43 3.55
N TYR A 256 8.21 -29.79 4.43
CA TYR A 256 6.82 -29.58 4.11
C TYR A 256 6.66 -28.75 2.83
N LEU A 257 7.57 -27.79 2.59
CA LEU A 257 7.52 -27.02 1.35
C LEU A 257 7.79 -27.90 0.13
N HIS A 258 8.65 -28.90 0.29
CA HIS A 258 8.85 -29.85 -0.80
C HIS A 258 7.56 -30.59 -1.09
N ASP A 259 6.84 -31.00 -0.05
CA ASP A 259 5.59 -31.71 -0.25
C ASP A 259 4.51 -30.79 -0.82
N LEU A 260 4.46 -29.55 -0.36
CA LEU A 260 3.54 -28.59 -0.95
C LEU A 260 3.81 -28.41 -2.44
N ARG A 261 5.08 -28.30 -2.83
CA ARG A 261 5.44 -28.17 -4.23
C ARG A 261 4.95 -29.36 -5.05
N ASP A 262 5.20 -30.57 -4.54
CA ASP A 262 4.82 -31.77 -5.29
C ASP A 262 3.30 -31.90 -5.38
N ILE A 263 2.59 -31.66 -4.27
CA ILE A 263 1.13 -31.76 -4.24
C ILE A 263 0.49 -30.74 -5.18
N CYS A 264 0.97 -29.49 -5.12
CA CYS A 264 0.51 -28.47 -6.04
C CYS A 264 0.79 -28.85 -7.48
N ARG A 265 1.94 -29.47 -7.72
CA ARG A 265 2.28 -29.92 -9.07
C ARG A 265 1.28 -30.96 -9.56
N ARG A 266 1.07 -32.02 -8.78
CA ARG A 266 0.25 -33.12 -9.26
C ARG A 266 -1.23 -32.74 -9.35
N TYR A 267 -1.69 -31.76 -8.59
CA TYR A 267 -3.10 -31.42 -8.61
C TYR A 267 -3.41 -30.15 -9.39
N GLU A 268 -2.41 -29.53 -10.01
CA GLU A 268 -2.60 -28.31 -10.79
C GLU A 268 -3.25 -27.21 -9.95
N VAL A 269 -2.56 -26.87 -8.88
CA VAL A 269 -2.88 -25.74 -8.03
C VAL A 269 -1.60 -24.93 -7.91
N LEU A 270 -1.67 -23.63 -8.18
CA LEU A 270 -0.45 -22.83 -8.08
C LEU A 270 0.01 -22.73 -6.62
N LEU A 271 1.29 -22.42 -6.43
CA LEU A 271 1.88 -22.32 -5.10
C LEU A 271 2.35 -20.88 -4.91
N ILE A 272 1.86 -20.22 -3.87
CA ILE A 272 2.25 -18.86 -3.56
C ILE A 272 2.98 -18.88 -2.23
N PHE A 273 4.22 -18.38 -2.22
CA PHE A 273 4.99 -18.22 -1.00
C PHE A 273 4.93 -16.74 -0.60
N ASP A 274 4.46 -16.48 0.61
CA ASP A 274 4.51 -15.13 1.17
C ASP A 274 5.82 -14.99 1.93
N GLU A 275 6.80 -14.29 1.34
CA GLU A 275 8.10 -14.07 1.94
C GLU A 275 8.28 -12.61 2.38
N ILE A 276 7.18 -11.95 2.70
CA ILE A 276 7.24 -10.55 3.11
C ILE A 276 7.98 -10.41 4.43
N ALA A 277 7.84 -11.40 5.33
CA ALA A 277 8.63 -11.40 6.56
C ALA A 277 9.94 -12.17 6.42
N THR A 278 9.94 -13.28 5.66
CA THR A 278 11.10 -14.17 5.63
C THR A 278 12.18 -13.77 4.63
N GLY A 279 11.92 -12.83 3.73
CA GLY A 279 12.84 -12.57 2.64
C GLY A 279 14.11 -11.85 3.07
N PHE A 280 15.10 -11.93 2.19
CA PHE A 280 16.36 -11.20 2.30
C PHE A 280 17.19 -11.61 3.54
N GLY A 281 17.33 -12.93 3.71
CA GLY A 281 18.30 -13.48 4.65
C GLY A 281 17.78 -13.75 6.05
N ARG A 282 16.59 -13.26 6.40
CA ARG A 282 16.13 -13.25 7.80
C ARG A 282 16.20 -14.61 8.46
N THR A 283 15.88 -15.69 7.72
CA THR A 283 15.82 -17.02 8.29
C THR A 283 17.11 -17.81 8.08
N GLY A 284 18.18 -17.17 7.59
CA GLY A 284 19.45 -17.85 7.38
C GLY A 284 19.69 -18.33 5.96
N ALA A 285 18.67 -18.33 5.11
CA ALA A 285 18.88 -18.45 3.67
C ALA A 285 18.40 -17.16 3.03
N LEU A 286 18.79 -16.93 1.79
CA LEU A 286 18.42 -15.68 1.14
C LEU A 286 16.92 -15.49 1.16
N PHE A 287 16.18 -16.48 0.68
CA PHE A 287 14.74 -16.58 0.89
C PHE A 287 14.44 -17.93 1.53
N ALA A 288 13.43 -17.96 2.39
CA ALA A 288 13.15 -19.17 3.16
C ALA A 288 12.83 -20.35 2.26
N ALA A 289 12.28 -20.09 1.07
CA ALA A 289 12.07 -21.18 0.12
C ALA A 289 13.35 -21.95 -0.17
N ASP A 290 14.51 -21.27 -0.10
CA ASP A 290 15.79 -21.92 -0.43
C ASP A 290 16.18 -23.01 0.56
N HIS A 291 15.64 -22.97 1.79
CA HIS A 291 15.88 -24.05 2.73
C HIS A 291 15.41 -25.37 2.17
N ALA A 292 14.43 -25.36 1.26
CA ALA A 292 13.91 -26.57 0.65
C ALA A 292 14.25 -26.69 -0.82
N GLY A 293 14.95 -25.71 -1.40
CA GLY A 293 15.21 -25.72 -2.83
C GLY A 293 13.97 -25.52 -3.69
N VAL A 294 12.86 -25.11 -3.10
CA VAL A 294 11.59 -25.06 -3.81
C VAL A 294 11.38 -23.70 -4.45
N SER A 295 10.80 -23.69 -5.65
CA SER A 295 10.36 -22.48 -6.32
C SER A 295 8.85 -22.46 -6.34
N PRO A 296 8.20 -21.43 -5.83
CA PRO A 296 6.75 -21.30 -6.00
C PRO A 296 6.43 -20.69 -7.36
N ASP A 297 5.14 -20.71 -7.70
CA ASP A 297 4.70 -20.05 -8.94
C ASP A 297 4.64 -18.54 -8.80
N ILE A 298 4.31 -18.06 -7.61
CA ILE A 298 4.13 -16.64 -7.32
C ILE A 298 4.78 -16.40 -5.97
N MET A 299 5.44 -15.25 -5.82
CA MET A 299 6.15 -14.95 -4.59
C MET A 299 5.90 -13.50 -4.19
N CYS A 300 5.70 -13.28 -2.89
CA CYS A 300 5.57 -11.94 -2.35
C CYS A 300 6.77 -11.58 -1.48
N VAL A 301 7.27 -10.35 -1.65
CA VAL A 301 8.30 -9.77 -0.80
C VAL A 301 7.86 -8.36 -0.41
N GLY A 302 8.44 -7.86 0.68
CA GLY A 302 8.09 -6.54 1.15
C GLY A 302 8.85 -5.86 2.28
N LYS A 303 8.78 -6.37 3.50
CA LYS A 303 9.24 -5.61 4.71
C LYS A 303 10.65 -5.03 4.57
N ALA A 304 11.63 -5.91 4.40
CA ALA A 304 13.02 -5.48 4.38
C ALA A 304 13.45 -5.12 2.98
N LEU A 305 12.48 -5.07 2.05
CA LEU A 305 12.84 -4.87 0.66
C LEU A 305 13.65 -3.59 0.46
N THR A 306 13.21 -2.49 1.09
CA THR A 306 13.93 -1.22 1.03
C THR A 306 14.87 -1.01 2.21
N GLY A 307 15.28 -2.06 2.90
CA GLY A 307 16.04 -1.84 4.12
C GLY A 307 15.31 -1.05 5.18
N GLY A 308 13.97 -1.07 5.16
CA GLY A 308 13.19 -0.37 6.17
C GLY A 308 13.18 1.13 6.04
N TYR A 309 13.38 1.66 4.85
CA TYR A 309 13.33 3.09 4.64
C TYR A 309 11.94 3.57 4.23
N LEU A 310 11.35 2.90 3.24
CA LEU A 310 10.18 3.35 2.51
C LEU A 310 9.29 2.16 2.26
N SER A 311 8.00 2.40 2.21
CA SER A 311 7.07 1.33 1.86
C SER A 311 7.30 0.88 0.43
N LEU A 312 7.46 -0.41 0.24
CA LEU A 312 7.57 -1.00 -1.09
C LEU A 312 7.38 -2.49 -0.95
N ALA A 313 6.84 -3.11 -2.00
CA ALA A 313 6.61 -4.53 -2.04
C ALA A 313 6.66 -4.99 -3.50
N ALA A 314 6.75 -6.29 -3.68
CA ALA A 314 6.82 -6.85 -5.02
C ALA A 314 6.15 -8.22 -5.04
N THR A 315 5.47 -8.50 -6.14
CA THR A 315 4.89 -9.81 -6.40
C THR A 315 5.56 -10.33 -7.67
N LEU A 316 6.17 -11.50 -7.57
CA LEU A 316 6.80 -12.14 -8.73
C LEU A 316 6.00 -13.37 -9.15
N CYS A 317 6.07 -13.68 -10.44
CA CYS A 317 5.42 -14.90 -10.93
C CYS A 317 6.22 -15.42 -12.13
N THR A 318 5.93 -16.67 -12.50
CA THR A 318 6.68 -17.30 -13.59
C THR A 318 6.26 -16.72 -14.93
N ALA A 319 7.13 -16.93 -15.92
CA ALA A 319 6.79 -16.61 -17.31
C ALA A 319 5.46 -17.24 -17.71
N ASP A 320 5.24 -18.50 -17.33
CA ASP A 320 4.01 -19.19 -17.68
C ASP A 320 2.77 -18.48 -17.11
N VAL A 321 2.82 -18.07 -15.85
CA VAL A 321 1.67 -17.38 -15.28
C VAL A 321 1.45 -16.05 -16.00
N ALA A 322 2.54 -15.33 -16.27
CA ALA A 322 2.44 -14.04 -16.94
C ALA A 322 1.89 -14.18 -18.35
N HIS A 323 2.45 -15.11 -19.12
CA HIS A 323 1.99 -15.28 -20.50
C HIS A 323 0.55 -15.77 -20.54
N THR A 324 0.15 -16.63 -19.60
CA THR A 324 -1.23 -17.08 -19.58
C THR A 324 -2.17 -15.95 -19.20
N ILE A 325 -1.83 -15.14 -18.19
CA ILE A 325 -2.66 -13.99 -17.87
C ILE A 325 -2.74 -13.06 -19.06
N SER A 326 -1.61 -12.83 -19.72
CA SER A 326 -1.57 -11.86 -20.81
C SER A 326 -2.31 -12.36 -22.05
N ALA A 327 -2.49 -13.66 -22.22
CA ALA A 327 -3.26 -14.16 -23.34
C ALA A 327 -4.73 -14.38 -23.01
N GLY A 328 -5.14 -14.14 -21.76
CA GLY A 328 -6.51 -14.31 -21.34
C GLY A 328 -7.40 -13.16 -21.76
N ALA A 329 -8.66 -13.23 -21.30
CA ALA A 329 -9.71 -12.36 -21.84
C ALA A 329 -9.40 -10.89 -21.62
N ALA A 330 -8.86 -10.54 -20.45
CA ALA A 330 -8.53 -9.15 -20.21
C ALA A 330 -7.28 -8.73 -20.96
N GLY A 331 -6.39 -9.68 -21.27
CA GLY A 331 -5.15 -9.33 -21.93
C GLY A 331 -4.17 -8.57 -21.06
N ALA A 332 -4.39 -8.55 -19.76
CA ALA A 332 -3.54 -7.79 -18.84
C ALA A 332 -3.90 -8.19 -17.41
N LEU A 333 -2.92 -8.05 -16.52
CA LEU A 333 -3.20 -8.11 -15.09
C LEU A 333 -3.93 -6.83 -14.65
N MET A 334 -5.06 -6.99 -13.98
CA MET A 334 -6.00 -5.89 -13.77
C MET A 334 -5.65 -5.13 -12.48
N HIS A 335 -4.50 -4.47 -12.51
CA HIS A 335 -3.94 -3.87 -11.31
C HIS A 335 -2.85 -2.89 -11.69
N GLY A 336 -2.85 -1.73 -11.03
CA GLY A 336 -1.86 -0.69 -11.26
C GLY A 336 -1.93 0.39 -10.19
N PRO A 337 -1.10 0.26 -9.16
CA PRO A 337 -1.11 1.25 -8.06
C PRO A 337 -0.50 2.58 -8.49
N THR A 338 -1.05 3.67 -7.93
CA THR A 338 -0.60 5.02 -8.25
C THR A 338 0.90 5.16 -8.20
N PHE A 339 1.52 4.72 -7.10
CA PHE A 339 2.96 4.89 -6.94
C PHE A 339 3.75 3.66 -7.38
N MET A 340 3.14 2.80 -8.20
CA MET A 340 3.82 1.62 -8.74
C MET A 340 5.25 1.94 -9.17
N ALA A 341 6.19 1.16 -8.63
CA ALA A 341 7.60 1.20 -9.00
C ALA A 341 8.23 2.57 -8.71
N ASN A 342 7.79 3.21 -7.63
CA ASN A 342 8.31 4.51 -7.21
C ASN A 342 9.83 4.56 -7.31
N PRO A 343 10.39 5.43 -8.15
CA PRO A 343 11.85 5.50 -8.29
C PRO A 343 12.60 5.62 -6.97
N LEU A 344 12.11 6.45 -6.04
CA LEU A 344 12.82 6.59 -4.77
C LEU A 344 12.84 5.27 -4.01
N ALA A 345 11.68 4.64 -3.85
CA ALA A 345 11.64 3.38 -3.12
C ALA A 345 12.50 2.32 -3.81
N CYS A 346 12.43 2.25 -5.14
CA CYS A 346 13.17 1.24 -5.89
C CYS A 346 14.67 1.45 -5.73
N ALA A 347 15.12 2.70 -5.79
CA ALA A 347 16.54 3.01 -5.69
C ALA A 347 17.12 2.58 -4.34
N VAL A 348 16.41 2.87 -3.25
CA VAL A 348 16.91 2.46 -1.93
C VAL A 348 16.92 0.95 -1.83
N SER A 349 15.92 0.29 -2.43
CA SER A 349 15.88 -1.16 -2.41
C SER A 349 17.05 -1.76 -3.18
N VAL A 350 17.36 -1.19 -4.36
CA VAL A 350 18.55 -1.59 -5.11
C VAL A 350 19.77 -1.58 -4.19
N ALA A 351 19.99 -0.44 -3.54
CA ALA A 351 21.14 -0.31 -2.65
C ALA A 351 21.08 -1.37 -1.55
N SER A 352 19.90 -1.53 -0.94
CA SER A 352 19.73 -2.45 0.17
C SER A 352 20.05 -3.89 -0.25
N VAL A 353 19.51 -4.31 -1.40
CA VAL A 353 19.75 -5.68 -1.86
C VAL A 353 21.22 -5.86 -2.23
N GLU A 354 21.81 -4.88 -2.92
CA GLU A 354 23.21 -4.99 -3.30
C GLU A 354 24.12 -5.00 -2.08
N LEU A 355 23.79 -4.19 -1.07
CA LEU A 355 24.59 -4.19 0.15
C LEU A 355 24.51 -5.55 0.85
N LEU A 356 23.36 -6.21 0.76
CA LEU A 356 23.23 -7.55 1.33
C LEU A 356 24.04 -8.56 0.52
N LEU A 357 23.92 -8.51 -0.80
CA LEU A 357 24.60 -9.48 -1.67
C LEU A 357 26.10 -9.33 -1.64
N GLY A 358 26.60 -8.11 -1.45
CA GLY A 358 28.02 -7.81 -1.53
C GLY A 358 28.78 -8.01 -0.25
N GLN A 359 28.14 -8.55 0.77
CA GLN A 359 28.84 -9.00 1.96
C GLN A 359 28.57 -10.48 2.12
N ASP A 360 29.25 -11.10 3.07
CA ASP A 360 29.03 -12.52 3.33
C ASP A 360 27.88 -12.65 4.33
N TRP A 361 26.67 -12.42 3.81
CA TRP A 361 25.50 -12.35 4.68
C TRP A 361 25.25 -13.68 5.38
N ARG A 362 25.50 -14.80 4.70
CA ARG A 362 25.19 -16.10 5.29
C ARG A 362 25.98 -16.31 6.58
N THR A 363 27.30 -16.08 6.54
CA THR A 363 28.08 -16.14 7.76
C THR A 363 27.57 -15.13 8.81
N ARG A 364 27.20 -13.92 8.37
CA ARG A 364 26.68 -12.93 9.31
C ARG A 364 25.43 -13.44 10.02
N ILE A 365 24.46 -13.94 9.25
CA ILE A 365 23.24 -14.46 9.86
C ILE A 365 23.55 -15.70 10.71
N THR A 366 24.43 -16.56 10.23
CA THR A 366 24.86 -17.70 11.06
C THR A 366 25.38 -17.23 12.42
N GLU A 367 26.18 -16.17 12.43
CA GLU A 367 26.73 -15.67 13.68
C GLU A 367 25.64 -15.03 14.55
N LEU A 368 24.75 -14.25 13.92
CA LEU A 368 23.59 -13.71 14.63
C LEU A 368 22.81 -14.82 15.31
N ALA A 369 22.53 -15.90 14.58
CA ALA A 369 21.72 -16.99 15.12
C ALA A 369 22.42 -17.67 16.28
N ALA A 370 23.74 -17.83 16.21
CA ALA A 370 24.47 -18.44 17.32
C ALA A 370 24.40 -17.54 18.56
N GLY A 371 24.53 -16.23 18.37
CA GLY A 371 24.42 -15.32 19.48
C GLY A 371 23.04 -15.36 20.13
N LEU A 372 21.98 -15.41 19.31
CA LEU A 372 20.63 -15.53 19.84
C LEU A 372 20.45 -16.84 20.60
N THR A 373 20.98 -17.94 20.05
CA THR A 373 20.86 -19.25 20.68
C THR A 373 21.61 -19.30 22.00
N ALA A 374 22.86 -18.83 22.02
CA ALA A 374 23.63 -18.85 23.25
C ALA A 374 23.03 -17.93 24.29
N GLY A 375 22.63 -16.74 23.86
CA GLY A 375 22.08 -15.76 24.80
C GLY A 375 20.73 -16.15 25.37
N LEU A 376 19.92 -16.88 24.59
CA LEU A 376 18.56 -17.20 25.04
C LEU A 376 18.48 -18.55 25.76
N ASP A 377 19.54 -19.35 25.73
CA ASP A 377 19.44 -20.70 26.27
C ASP A 377 19.04 -20.68 27.74
N THR A 378 19.47 -19.68 28.49
CA THR A 378 19.21 -19.63 29.91
C THR A 378 17.72 -19.46 30.22
N ALA A 379 16.91 -19.03 29.24
CA ALA A 379 15.48 -18.86 29.50
C ALA A 379 14.73 -20.18 29.52
N ARG A 380 15.31 -21.25 28.96
CA ARG A 380 14.63 -22.54 28.93
C ARG A 380 14.21 -22.98 30.34
N ALA A 381 15.01 -22.63 31.35
CA ALA A 381 14.75 -23.09 32.70
C ALA A 381 13.84 -22.16 33.49
N LEU A 382 13.55 -20.96 32.98
CA LEU A 382 12.64 -20.07 33.69
C LEU A 382 11.27 -20.72 33.83
N PRO A 383 10.57 -20.48 34.93
CA PRO A 383 9.33 -21.24 35.19
C PRO A 383 8.19 -20.91 34.23
N ALA A 384 8.09 -19.69 33.72
CA ALA A 384 6.99 -19.33 32.83
C ALA A 384 7.33 -19.50 31.36
N VAL A 385 8.45 -20.15 31.03
CA VAL A 385 8.89 -20.30 29.64
C VAL A 385 8.53 -21.71 29.16
N THR A 386 7.84 -21.80 28.03
CA THR A 386 7.51 -23.11 27.48
C THR A 386 8.36 -23.52 26.27
N ASP A 387 8.99 -22.57 25.57
CA ASP A 387 9.85 -22.96 24.47
C ASP A 387 10.83 -21.83 24.19
N VAL A 388 11.99 -22.19 23.66
CA VAL A 388 12.95 -21.23 23.13
C VAL A 388 13.36 -21.75 21.76
N ARG A 389 13.30 -20.88 20.76
CA ARG A 389 13.61 -21.33 19.41
C ARG A 389 14.25 -20.19 18.63
N VAL A 390 15.23 -20.54 17.82
CA VAL A 390 15.96 -19.61 16.98
C VAL A 390 15.94 -20.15 15.57
N CYS A 391 15.84 -19.25 14.58
CA CYS A 391 15.92 -19.64 13.18
C CYS A 391 16.47 -18.44 12.42
N GLY A 392 17.74 -18.52 12.04
CA GLY A 392 18.37 -17.36 11.43
C GLY A 392 18.44 -16.24 12.44
N ALA A 393 18.19 -15.01 11.96
CA ALA A 393 18.15 -13.82 12.83
C ALA A 393 16.81 -13.64 13.52
N ILE A 394 16.22 -14.71 14.03
CA ILE A 394 14.93 -14.70 14.70
C ILE A 394 15.08 -15.47 16.01
N GLY A 395 14.76 -14.83 17.12
CA GLY A 395 14.81 -15.48 18.43
C GLY A 395 13.52 -15.31 19.19
N VAL A 396 13.07 -16.39 19.81
CA VAL A 396 11.73 -16.45 20.38
C VAL A 396 11.78 -17.15 21.74
N ILE A 397 11.19 -16.51 22.76
CA ILE A 397 10.87 -17.13 24.03
C ILE A 397 9.35 -17.22 24.09
N GLU A 398 8.82 -18.44 24.05
CA GLU A 398 7.40 -18.69 24.21
C GLU A 398 7.09 -18.85 25.71
N CYS A 399 6.18 -18.03 26.23
CA CYS A 399 5.82 -18.07 27.63
C CYS A 399 4.45 -18.75 27.84
N ASP A 400 4.15 -19.01 29.11
CA ASP A 400 2.97 -19.76 29.48
C ASP A 400 1.75 -18.86 29.68
N ARG A 401 1.85 -17.59 29.35
CA ARG A 401 0.77 -16.64 29.55
C ARG A 401 1.03 -15.44 28.66
N PRO A 402 -0.01 -14.65 28.34
CA PRO A 402 0.21 -13.44 27.54
C PRO A 402 1.11 -12.48 28.28
N VAL A 403 1.97 -11.79 27.52
CA VAL A 403 2.97 -10.92 28.11
C VAL A 403 2.38 -9.53 28.27
N ASP A 404 2.38 -9.04 29.51
CA ASP A 404 1.84 -7.72 29.80
C ASP A 404 2.82 -6.67 29.30
N LEU A 405 2.43 -5.92 28.25
CA LEU A 405 3.31 -4.90 27.69
C LEU A 405 3.66 -3.83 28.72
N ALA A 406 2.77 -3.55 29.67
CA ALA A 406 3.06 -2.53 30.65
C ALA A 406 4.21 -2.92 31.56
N VAL A 407 4.48 -4.22 31.70
CA VAL A 407 5.66 -4.69 32.42
C VAL A 407 6.85 -4.84 31.49
N ALA A 408 6.65 -5.46 30.33
CA ALA A 408 7.75 -5.84 29.47
C ALA A 408 8.43 -4.64 28.83
N THR A 409 7.65 -3.66 28.35
CA THR A 409 8.25 -2.52 27.66
C THR A 409 9.21 -1.73 28.55
N PRO A 410 8.79 -1.22 29.72
CA PRO A 410 9.76 -0.46 30.53
C PRO A 410 10.93 -1.31 30.97
N ALA A 411 10.68 -2.59 31.24
CA ALA A 411 11.74 -3.48 31.68
C ALA A 411 12.81 -3.68 30.60
N ALA A 412 12.39 -3.79 29.34
CA ALA A 412 13.35 -3.83 28.24
C ALA A 412 14.04 -2.49 28.07
N LEU A 413 13.30 -1.39 28.17
CA LEU A 413 13.88 -0.07 28.06
C LEU A 413 14.86 0.19 29.21
N ASP A 414 14.55 -0.33 30.40
CA ASP A 414 15.52 -0.28 31.51
C ASP A 414 16.81 -0.99 31.16
N ARG A 415 16.76 -2.01 30.30
CA ARG A 415 17.92 -2.77 29.91
C ARG A 415 18.50 -2.26 28.60
N GLY A 416 18.04 -1.09 28.15
CA GLY A 416 18.58 -0.48 26.95
C GLY A 416 18.16 -1.13 25.66
N VAL A 417 16.98 -1.76 25.61
CA VAL A 417 16.53 -2.46 24.42
C VAL A 417 15.06 -2.13 24.16
N TRP A 418 14.74 -1.90 22.89
CA TRP A 418 13.37 -1.77 22.43
C TRP A 418 12.84 -3.16 22.09
N LEU A 419 11.88 -3.65 22.88
CA LEU A 419 11.23 -4.94 22.63
C LEU A 419 9.73 -4.76 22.53
N ARG A 420 9.11 -5.45 21.58
CA ARG A 420 7.66 -5.40 21.38
C ARG A 420 7.11 -6.83 21.43
N PRO A 421 6.80 -7.32 22.62
CA PRO A 421 6.13 -8.63 22.70
C PRO A 421 4.73 -8.57 22.12
N PHE A 422 4.22 -9.74 21.72
CA PHE A 422 2.80 -9.86 21.43
C PHE A 422 2.34 -11.25 21.84
N ARG A 423 1.05 -11.36 22.20
CA ARG A 423 0.49 -12.60 22.72
C ARG A 423 1.38 -13.11 23.86
N ASN A 424 1.89 -14.33 23.77
CA ASN A 424 2.76 -14.91 24.79
C ASN A 424 4.22 -15.02 24.33
N LEU A 425 4.66 -14.16 23.43
CA LEU A 425 5.95 -14.32 22.75
C LEU A 425 6.85 -13.13 23.05
N VAL A 426 8.04 -13.41 23.57
CA VAL A 426 9.09 -12.42 23.72
C VAL A 426 10.11 -12.75 22.66
N TYR A 427 10.26 -11.88 21.67
CA TYR A 427 11.03 -12.26 20.49
C TYR A 427 11.77 -11.06 19.93
N ALA A 428 12.78 -11.34 19.13
CA ALA A 428 13.55 -10.29 18.48
C ALA A 428 13.82 -10.69 17.05
N MET A 429 13.91 -9.68 16.18
CA MET A 429 14.37 -9.85 14.81
C MET A 429 15.39 -8.74 14.58
N PRO A 430 16.63 -8.93 15.04
CA PRO A 430 17.57 -7.81 15.17
C PRO A 430 18.16 -7.42 13.82
N PRO A 431 18.65 -6.20 13.69
CA PRO A 431 19.31 -5.82 12.44
C PRO A 431 20.57 -6.63 12.25
N TYR A 432 20.90 -6.91 10.99
CA TYR A 432 22.03 -7.77 10.69
C TYR A 432 23.35 -7.16 11.15
N ILE A 433 23.43 -5.84 11.28
CA ILE A 433 24.67 -5.17 11.67
C ILE A 433 24.94 -5.22 13.18
N CYS A 434 24.15 -5.97 13.94
CA CYS A 434 24.34 -6.01 15.38
C CYS A 434 25.62 -6.76 15.73
N THR A 435 26.48 -6.13 16.53
CA THR A 435 27.69 -6.80 16.96
C THR A 435 27.32 -7.95 17.89
N PRO A 436 28.27 -8.86 18.14
CA PRO A 436 28.02 -9.91 19.14
C PRO A 436 27.52 -9.38 20.47
N ALA A 437 28.12 -8.29 20.97
CA ALA A 437 27.75 -7.75 22.27
C ALA A 437 26.35 -7.16 22.26
N GLU A 438 25.95 -6.54 21.15
CA GLU A 438 24.59 -6.01 21.05
C GLU A 438 23.56 -7.13 21.05
N ILE A 439 23.89 -8.25 20.40
CA ILE A 439 22.99 -9.40 20.41
C ILE A 439 22.85 -9.94 21.82
N THR A 440 23.97 -10.10 22.53
CA THR A 440 23.88 -10.57 23.91
C THR A 440 23.12 -9.57 24.77
N GLN A 441 23.24 -8.28 24.48
CA GLN A 441 22.43 -7.29 25.18
C GLN A 441 20.95 -7.48 24.88
N ILE A 442 20.61 -7.79 23.63
CA ILE A 442 19.23 -8.07 23.27
C ILE A 442 18.73 -9.33 23.97
N THR A 443 19.45 -10.44 23.84
CA THR A 443 18.97 -11.68 24.46
C THR A 443 18.88 -11.54 25.98
N SER A 444 19.78 -10.75 26.58
CA SER A 444 19.74 -10.54 28.02
C SER A 444 18.47 -9.81 28.44
N ALA A 445 18.06 -8.80 27.67
CA ALA A 445 16.83 -8.09 27.99
C ALA A 445 15.63 -9.01 27.85
N MET A 446 15.60 -9.79 26.77
CA MET A 446 14.54 -10.78 26.60
C MET A 446 14.46 -11.75 27.77
N VAL A 447 15.62 -12.24 28.23
CA VAL A 447 15.63 -13.18 29.35
C VAL A 447 15.02 -12.53 30.58
N GLU A 448 15.41 -11.29 30.87
CA GLU A 448 14.86 -10.58 32.03
C GLU A 448 13.37 -10.30 31.86
N VAL A 449 12.95 -9.96 30.63
CA VAL A 449 11.52 -9.76 30.39
C VAL A 449 10.76 -11.04 30.70
N ALA A 450 11.30 -12.19 30.26
CA ALA A 450 10.63 -13.46 30.54
C ALA A 450 10.66 -13.79 32.04
N ARG A 451 11.77 -13.43 32.72
CA ARG A 451 11.87 -13.65 34.16
C ARG A 451 10.76 -12.89 34.89
N LEU A 452 10.48 -11.67 34.44
CA LEU A 452 9.41 -10.87 35.02
C LEU A 452 8.02 -11.41 34.71
N VAL A 453 7.87 -12.19 33.64
CA VAL A 453 6.55 -12.73 33.32
C VAL A 453 6.10 -13.71 34.41
N GLY A 454 7.00 -14.56 34.88
CA GLY A 454 6.73 -15.52 35.94
C GLY A 454 6.86 -14.99 37.35
N SER A 455 7.16 -13.70 37.52
CA SER A 455 7.29 -13.07 38.83
C SER A 455 5.92 -12.61 39.36
N LEU A 456 5.59 -11.34 39.13
CA LEU A 456 4.37 -10.73 39.64
C LEU A 456 4.32 -10.79 41.17
N GLY B 27 24.34 0.74 -13.10
CA GLY B 27 24.17 1.52 -14.31
C GLY B 27 23.53 0.77 -15.47
N LEU B 28 22.65 1.44 -16.22
CA LEU B 28 21.97 0.84 -17.36
C LEU B 28 21.70 1.90 -18.43
N THR B 29 21.99 1.57 -19.69
CA THR B 29 21.62 2.42 -20.80
C THR B 29 20.14 2.28 -21.08
N PRO B 30 19.52 3.27 -21.73
CA PRO B 30 18.08 3.18 -22.01
C PRO B 30 17.69 1.95 -22.81
N GLU B 31 18.56 1.46 -23.70
CA GLU B 31 18.25 0.23 -24.43
C GLU B 31 18.27 -0.98 -23.51
N GLN B 32 19.16 -0.99 -22.53
CA GLN B 32 19.16 -2.06 -21.54
C GLN B 32 17.94 -1.95 -20.63
N ILE B 33 17.57 -0.72 -20.24
CA ILE B 33 16.35 -0.51 -19.47
C ILE B 33 15.15 -1.08 -20.23
N ILE B 34 15.09 -0.89 -21.55
CA ILE B 34 13.94 -1.37 -22.32
C ILE B 34 13.94 -2.90 -22.41
N ALA B 35 15.12 -3.51 -22.54
CA ALA B 35 15.21 -4.96 -22.61
C ALA B 35 14.85 -5.61 -21.28
N VAL B 36 15.40 -5.09 -20.18
CA VAL B 36 15.01 -5.61 -18.86
C VAL B 36 13.52 -5.43 -18.65
N ASP B 37 12.99 -4.26 -19.02
CA ASP B 37 11.59 -3.95 -18.82
C ASP B 37 10.70 -4.91 -19.59
N GLY B 38 11.04 -5.16 -20.86
CA GLY B 38 10.21 -6.03 -21.67
C GLY B 38 10.14 -7.43 -21.11
N ALA B 39 11.23 -7.91 -20.55
CA ALA B 39 11.28 -9.28 -20.08
C ALA B 39 10.77 -9.45 -18.66
N HIS B 40 10.77 -8.39 -17.83
CA HIS B 40 10.54 -8.59 -16.40
C HIS B 40 9.60 -7.62 -15.69
N LEU B 41 9.15 -6.52 -16.29
CA LEU B 41 8.41 -5.51 -15.55
C LEU B 41 6.95 -5.48 -15.99
N TRP B 42 6.05 -5.82 -15.05
CA TRP B 42 4.65 -5.46 -15.18
C TRP B 42 4.47 -3.95 -15.06
N HIS B 43 3.48 -3.44 -15.76
CA HIS B 43 3.12 -2.02 -15.70
C HIS B 43 1.67 -1.94 -15.30
N PRO B 44 1.10 -0.76 -15.01
CA PRO B 44 -0.30 -0.71 -14.58
C PRO B 44 -1.23 -1.29 -15.64
N TYR B 45 -2.08 -2.24 -15.22
CA TYR B 45 -3.08 -2.84 -16.10
C TYR B 45 -2.48 -3.24 -17.44
N SER B 46 -1.35 -3.93 -17.41
CA SER B 46 -0.57 -4.23 -18.60
C SER B 46 -0.36 -5.73 -18.76
N SER B 47 0.32 -6.10 -19.85
CA SER B 47 0.71 -7.47 -20.12
C SER B 47 2.22 -7.63 -19.97
N ILE B 48 2.68 -8.88 -20.03
CA ILE B 48 4.09 -9.19 -20.28
C ILE B 48 4.16 -9.79 -21.67
N GLY B 49 4.88 -9.12 -22.57
CA GLY B 49 5.14 -9.64 -23.89
C GLY B 49 4.08 -9.37 -24.94
N ARG B 50 3.01 -8.63 -24.59
CA ARG B 50 1.95 -8.33 -25.55
C ARG B 50 1.64 -6.84 -25.57
N GLU B 51 2.63 -6.01 -25.23
CA GLU B 51 2.42 -4.56 -25.15
C GLU B 51 2.43 -3.93 -26.53
N ALA B 52 1.40 -3.14 -26.83
CA ALA B 52 1.26 -2.56 -28.16
C ALA B 52 2.44 -1.67 -28.51
N VAL B 53 2.98 -0.96 -27.51
CA VAL B 53 4.16 -0.11 -27.69
C VAL B 53 4.99 -0.19 -26.42
N SER B 54 6.31 -0.13 -26.58
CA SER B 54 7.19 -0.12 -25.41
C SER B 54 6.84 1.09 -24.53
N PRO B 55 6.97 0.95 -23.21
CA PRO B 55 7.03 2.14 -22.36
C PRO B 55 8.24 2.96 -22.76
N VAL B 56 8.20 4.24 -22.42
CA VAL B 56 9.27 5.18 -22.76
C VAL B 56 10.14 5.40 -21.53
N VAL B 57 11.46 5.31 -21.73
CA VAL B 57 12.42 5.46 -20.65
C VAL B 57 12.38 6.89 -20.15
N ALA B 58 12.09 7.07 -18.86
CA ALA B 58 12.22 8.36 -18.20
C ALA B 58 13.57 8.39 -17.50
N VAL B 59 14.34 9.46 -17.75
CA VAL B 59 15.67 9.59 -17.16
C VAL B 59 15.77 10.72 -16.15
N ALA B 60 14.76 11.60 -16.06
CA ALA B 60 14.79 12.68 -15.08
C ALA B 60 13.41 13.32 -14.98
N ALA B 61 13.25 14.19 -13.98
CA ALA B 61 11.99 14.86 -13.74
C ALA B 61 12.28 16.05 -12.84
N HIS B 62 11.92 17.25 -13.29
CA HIS B 62 12.24 18.46 -12.57
C HIS B 62 11.15 19.47 -12.86
N GLY B 63 10.63 20.08 -11.79
CA GLY B 63 9.53 20.99 -11.95
C GLY B 63 8.40 20.33 -12.68
N ALA B 64 7.83 21.04 -13.64
CA ALA B 64 6.71 20.51 -14.40
C ALA B 64 7.14 19.61 -15.55
N TRP B 65 8.42 19.21 -15.60
CA TRP B 65 9.00 18.63 -16.80
C TRP B 65 9.65 17.28 -16.54
N LEU B 66 9.43 16.36 -17.47
CA LEU B 66 10.08 15.05 -17.46
C LEU B 66 11.10 15.00 -18.59
N THR B 67 12.19 14.28 -18.38
CA THR B 67 13.08 13.99 -19.47
C THR B 67 12.88 12.54 -19.90
N LEU B 68 12.44 12.36 -21.15
CA LEU B 68 12.16 11.05 -21.73
C LEU B 68 13.15 10.77 -22.86
N ILE B 69 13.25 9.50 -23.23
CA ILE B 69 14.12 9.06 -24.32
C ILE B 69 13.24 8.73 -25.51
N ARG B 70 13.23 9.60 -26.51
CA ARG B 70 12.58 9.38 -27.79
C ARG B 70 13.64 9.26 -28.87
N ASP B 71 13.68 8.12 -29.55
CA ASP B 71 14.67 7.85 -30.59
C ASP B 71 16.09 7.92 -30.03
N GLY B 72 16.28 7.40 -28.83
CA GLY B 72 17.59 7.39 -28.23
C GLY B 72 18.09 8.74 -27.73
N GLN B 73 17.28 9.79 -27.81
CA GLN B 73 17.71 11.11 -27.42
C GLN B 73 16.84 11.67 -26.29
N PRO B 74 17.44 12.30 -25.28
CA PRO B 74 16.62 12.84 -24.18
C PRO B 74 15.92 14.13 -24.62
N ILE B 75 14.62 14.19 -24.37
CA ILE B 75 13.80 15.38 -24.65
C ILE B 75 13.03 15.75 -23.39
N GLU B 76 12.85 17.05 -23.18
CA GLU B 76 12.07 17.53 -22.06
C GLU B 76 10.63 17.77 -22.51
N VAL B 77 9.68 17.14 -21.82
CA VAL B 77 8.26 17.32 -22.11
C VAL B 77 7.50 17.64 -20.83
N LEU B 78 6.37 18.32 -20.99
CA LEU B 78 5.55 18.68 -19.85
C LEU B 78 4.81 17.46 -19.29
N ASP B 79 4.77 17.35 -17.97
CA ASP B 79 4.05 16.28 -17.25
C ASP B 79 2.61 16.74 -17.07
N ALA B 80 1.83 16.64 -18.15
CA ALA B 80 0.47 17.17 -18.12
C ALA B 80 -0.47 16.37 -17.20
N MET B 81 -0.12 15.12 -16.89
CA MET B 81 -0.87 14.24 -15.99
C MET B 81 -0.50 14.42 -14.52
N SER B 82 0.47 15.28 -14.21
CA SER B 82 1.10 15.33 -12.88
C SER B 82 1.50 13.94 -12.39
N SER B 83 1.92 13.08 -13.31
CA SER B 83 2.33 11.72 -12.97
C SER B 83 1.23 11.03 -12.18
N TRP B 84 0.04 11.01 -12.77
CA TRP B 84 -1.15 10.36 -12.21
C TRP B 84 -1.63 11.05 -10.93
N TRP B 85 -1.77 12.38 -11.01
CA TRP B 85 -2.37 13.27 -10.02
C TRP B 85 -1.44 13.61 -8.87
N THR B 86 -0.19 13.19 -8.90
CA THR B 86 0.62 13.24 -7.70
C THR B 86 1.42 14.54 -7.57
N ALA B 87 2.03 15.02 -8.65
CA ALA B 87 3.08 16.03 -8.59
C ALA B 87 2.49 17.45 -8.60
N ILE B 88 1.70 17.76 -7.57
CA ILE B 88 0.98 19.04 -7.56
C ILE B 88 1.93 20.22 -7.48
N HIS B 89 3.07 20.09 -6.80
CA HIS B 89 4.05 21.17 -6.71
C HIS B 89 5.16 21.04 -7.74
N GLY B 90 5.02 20.12 -8.69
CA GLY B 90 6.09 19.78 -9.60
C GLY B 90 7.08 18.80 -8.98
N HIS B 91 7.91 18.21 -9.83
CA HIS B 91 8.93 17.29 -9.36
C HIS B 91 10.13 18.06 -8.80
N GLY B 92 10.81 17.43 -7.85
CA GLY B 92 12.04 18.02 -7.33
C GLY B 92 11.88 19.44 -6.83
N HIS B 93 10.76 19.74 -6.22
CA HIS B 93 10.59 21.03 -5.58
C HIS B 93 11.59 21.16 -4.43
N PRO B 94 12.36 22.25 -4.35
CA PRO B 94 13.42 22.33 -3.33
C PRO B 94 12.92 22.29 -1.90
N ALA B 95 11.70 22.79 -1.63
CA ALA B 95 11.19 22.74 -0.26
C ALA B 95 10.86 21.32 0.16
N LEU B 96 10.44 20.46 -0.77
CA LEU B 96 10.12 19.08 -0.44
C LEU B 96 11.34 18.17 -0.53
N ASP B 97 12.26 18.43 -1.46
CA ASP B 97 13.56 17.76 -1.44
C ASP B 97 14.24 17.96 -0.09
N GLN B 98 14.30 19.22 0.36
CA GLN B 98 14.96 19.53 1.62
C GLN B 98 14.26 18.89 2.80
N ALA B 99 12.94 18.80 2.74
CA ALA B 99 12.21 18.18 3.85
C ALA B 99 12.55 16.70 3.94
N LEU B 100 12.61 16.01 2.81
CA LEU B 100 13.03 14.61 2.80
C LEU B 100 14.48 14.47 3.27
N THR B 101 15.36 15.32 2.76
CA THR B 101 16.76 15.22 3.17
C THR B 101 16.94 15.56 4.64
N THR B 102 16.10 16.43 5.19
CA THR B 102 16.25 16.75 6.60
C THR B 102 15.79 15.59 7.48
N GLN B 103 14.65 14.99 7.15
CA GLN B 103 14.19 13.87 7.97
C GLN B 103 15.10 12.68 7.82
N LEU B 104 15.69 12.50 6.64
CA LEU B 104 16.61 11.39 6.40
C LEU B 104 17.80 11.42 7.34
N ARG B 105 18.23 12.60 7.76
CA ARG B 105 19.38 12.73 8.65
C ARG B 105 19.09 12.36 10.09
N VAL B 106 17.83 12.37 10.51
CA VAL B 106 17.48 12.11 11.91
C VAL B 106 16.94 10.70 12.10
N MET B 107 16.05 10.26 11.21
CA MET B 107 15.27 9.04 11.44
C MET B 107 14.57 8.61 10.16
N ASN B 108 15.04 7.54 9.51
CA ASN B 108 14.38 7.11 8.28
C ASN B 108 12.99 6.60 8.57
N HIS B 109 12.83 5.81 9.64
CA HIS B 109 11.59 5.10 9.92
C HIS B 109 11.70 4.44 11.30
N VAL B 110 10.59 4.41 12.04
CA VAL B 110 10.44 3.55 13.20
C VAL B 110 9.10 2.87 13.11
N MET B 111 8.99 1.66 13.70
CA MET B 111 7.71 0.98 13.77
C MET B 111 6.72 1.78 14.61
N PHE B 112 5.48 1.89 14.13
CA PHE B 112 4.44 2.67 14.78
C PHE B 112 3.73 1.90 15.88
N GLY B 113 4.04 0.61 16.06
CA GLY B 113 3.48 -0.11 17.18
C GLY B 113 4.24 0.19 18.45
N GLY B 114 3.63 0.93 19.39
CA GLY B 114 4.27 1.31 20.61
C GLY B 114 5.07 2.61 20.56
N LEU B 115 5.24 3.21 19.38
CA LEU B 115 6.01 4.43 19.22
C LEU B 115 5.22 5.46 18.40
N THR B 116 5.57 6.72 18.59
CA THR B 116 5.04 7.83 17.80
C THR B 116 6.19 8.78 17.50
N HIS B 117 5.92 9.84 16.76
CA HIS B 117 7.01 10.73 16.37
C HIS B 117 6.47 12.04 15.80
N GLU B 118 7.40 12.97 15.57
CA GLU B 118 7.03 14.34 15.19
C GLU B 118 6.41 14.41 13.81
N PRO B 119 6.98 13.80 12.75
CA PRO B 119 6.32 13.84 11.43
C PRO B 119 4.88 13.38 11.45
N ALA B 120 4.59 12.27 12.15
CA ALA B 120 3.22 11.79 12.23
C ALA B 120 2.32 12.79 12.93
N ALA B 121 2.79 13.37 14.05
CA ALA B 121 1.91 14.27 14.80
C ALA B 121 1.68 15.55 14.02
N ARG B 122 2.73 16.10 13.41
CA ARG B 122 2.57 17.32 12.65
C ARG B 122 1.60 17.11 11.50
N LEU B 123 1.73 15.97 10.80
CA LEU B 123 0.85 15.76 9.65
C LEU B 123 -0.58 15.53 10.10
N ALA B 124 -0.77 14.77 11.17
CA ALA B 124 -2.13 14.55 11.68
C ALA B 124 -2.76 15.87 12.13
N LYS B 125 -1.98 16.70 12.83
CA LYS B 125 -2.41 18.05 13.17
C LYS B 125 -2.90 18.81 11.94
N LEU B 126 -2.06 18.84 10.89
CA LEU B 126 -2.40 19.55 9.66
C LEU B 126 -3.64 18.97 9.03
N LEU B 127 -3.74 17.64 8.97
CA LEU B 127 -4.83 17.02 8.23
C LEU B 127 -6.16 17.20 8.94
N VAL B 128 -6.18 17.07 10.28
CA VAL B 128 -7.45 17.28 10.97
C VAL B 128 -7.88 18.74 10.87
N ASP B 129 -6.92 19.66 10.72
CA ASP B 129 -7.28 21.07 10.70
C ASP B 129 -7.82 21.50 9.35
N ILE B 130 -7.33 20.92 8.24
CA ILE B 130 -7.73 21.44 6.94
C ILE B 130 -8.79 20.59 6.26
N THR B 131 -9.11 19.42 6.80
CA THR B 131 -10.17 18.63 6.20
C THR B 131 -11.52 19.12 6.70
N PRO B 132 -12.62 18.73 6.05
CA PRO B 132 -13.95 19.17 6.49
C PRO B 132 -14.17 18.92 7.97
N ALA B 133 -15.02 19.75 8.55
CA ALA B 133 -15.14 19.79 10.00
C ALA B 133 -15.63 18.44 10.51
N GLY B 134 -15.15 18.08 11.69
CA GLY B 134 -15.58 16.87 12.34
C GLY B 134 -14.64 15.69 12.21
N LEU B 135 -13.70 15.72 11.26
CA LEU B 135 -12.79 14.60 11.06
C LEU B 135 -11.59 14.82 11.96
N ASP B 136 -11.53 14.04 13.06
CA ASP B 136 -10.64 14.28 14.20
C ASP B 136 -9.53 13.27 14.37
N THR B 137 -9.60 12.12 13.69
CA THR B 137 -8.61 11.07 13.91
C THR B 137 -8.10 10.61 12.55
N VAL B 138 -6.85 10.18 12.53
CA VAL B 138 -6.10 9.95 11.29
C VAL B 138 -5.44 8.57 11.38
N PHE B 139 -5.78 7.69 10.45
CA PHE B 139 -5.14 6.40 10.31
C PHE B 139 -4.31 6.44 9.03
N PHE B 140 -2.99 6.38 9.18
CA PHE B 140 -2.10 6.38 8.04
C PHE B 140 -1.93 4.98 7.47
N SER B 141 -1.80 4.92 6.15
CA SER B 141 -1.45 3.70 5.44
C SER B 141 -0.55 4.10 4.28
N ASP B 142 -0.28 3.12 3.43
CA ASP B 142 0.73 3.20 2.39
C ASP B 142 0.18 3.51 1.00
N SER B 143 -1.11 3.30 0.75
CA SER B 143 -1.66 3.56 -0.58
C SER B 143 -3.14 3.86 -0.49
N GLY B 144 -3.66 4.43 -1.56
CA GLY B 144 -5.07 4.80 -1.59
C GLY B 144 -6.00 3.60 -1.48
N SER B 145 -5.71 2.52 -2.21
CA SER B 145 -6.56 1.34 -2.08
C SER B 145 -6.65 0.90 -0.62
N VAL B 146 -5.51 0.86 0.08
CA VAL B 146 -5.53 0.40 1.47
C VAL B 146 -6.38 1.34 2.32
N SER B 147 -6.24 2.66 2.14
CA SER B 147 -7.01 3.59 2.95
C SER B 147 -8.51 3.36 2.75
N VAL B 148 -8.90 3.05 1.52
CA VAL B 148 -10.29 2.72 1.22
C VAL B 148 -10.73 1.46 1.98
N GLU B 149 -9.89 0.41 1.99
CA GLU B 149 -10.26 -0.77 2.76
C GLU B 149 -10.27 -0.45 4.25
N VAL B 150 -9.37 0.40 4.71
CA VAL B 150 -9.42 0.87 6.08
C VAL B 150 -10.74 1.57 6.36
N ALA B 151 -11.18 2.41 5.42
CA ALA B 151 -12.43 3.12 5.60
C ALA B 151 -13.60 2.15 5.69
N ALA B 152 -13.62 1.14 4.81
CA ALA B 152 -14.67 0.13 4.88
C ALA B 152 -14.62 -0.61 6.20
N LYS B 153 -13.42 -1.01 6.62
CA LYS B 153 -13.28 -1.69 7.89
C LYS B 153 -13.76 -0.82 9.04
N MET B 154 -13.42 0.46 9.03
CA MET B 154 -13.99 1.40 10.00
C MET B 154 -15.51 1.35 9.98
N ALA B 155 -16.10 1.40 8.78
CA ALA B 155 -17.55 1.43 8.67
C ALA B 155 -18.18 0.17 9.24
N LEU B 156 -17.65 -0.99 8.86
CA LEU B 156 -18.21 -2.25 9.33
C LEU B 156 -18.03 -2.43 10.84
N GLN B 157 -16.87 -2.04 11.38
CA GLN B 157 -16.67 -2.17 12.82
C GLN B 157 -17.52 -1.17 13.58
N TYR B 158 -17.80 -0.01 12.98
CA TYR B 158 -18.68 0.95 13.61
C TYR B 158 -20.04 0.34 13.94
N TRP B 159 -20.69 -0.26 12.94
CA TRP B 159 -22.02 -0.80 13.14
C TRP B 159 -22.00 -2.03 14.05
N ARG B 160 -20.95 -2.85 13.98
CA ARG B 160 -20.86 -3.94 14.94
C ARG B 160 -20.83 -3.39 16.36
N GLY B 161 -20.11 -2.29 16.58
CA GLY B 161 -20.10 -1.65 17.87
C GLY B 161 -21.41 -0.98 18.23
N ARG B 162 -22.37 -0.95 17.31
CA ARG B 162 -23.70 -0.45 17.55
C ARG B 162 -24.71 -1.57 17.67
N GLY B 163 -24.27 -2.82 17.56
CA GLY B 163 -25.16 -3.96 17.64
C GLY B 163 -25.88 -4.30 16.36
N LEU B 164 -25.35 -3.88 15.21
CA LEU B 164 -26.04 -4.03 13.94
C LEU B 164 -25.09 -4.64 12.91
N PRO B 165 -24.67 -5.90 13.13
CA PRO B 165 -23.74 -6.54 12.19
C PRO B 165 -24.35 -6.79 10.81
N GLY B 166 -25.66 -6.67 10.65
CA GLY B 166 -26.24 -6.75 9.33
C GLY B 166 -25.84 -5.59 8.42
N LYS B 167 -25.48 -4.44 8.99
CA LYS B 167 -25.12 -3.26 8.20
C LYS B 167 -23.69 -3.43 7.72
N ARG B 168 -23.53 -4.11 6.58
CA ARG B 168 -22.24 -4.58 6.12
C ARG B 168 -22.00 -4.44 4.62
N ARG B 169 -22.97 -4.00 3.82
CA ARG B 169 -22.75 -3.78 2.40
C ARG B 169 -22.45 -2.31 2.17
N LEU B 170 -21.92 -2.02 0.99
CA LEU B 170 -21.62 -0.65 0.57
C LEU B 170 -22.57 -0.28 -0.55
N MET B 171 -22.94 0.99 -0.60
CA MET B 171 -23.67 1.52 -1.72
C MET B 171 -22.86 2.63 -2.36
N THR B 172 -22.98 2.77 -3.68
CA THR B 172 -22.29 3.80 -4.42
C THR B 172 -23.08 4.10 -5.68
N TRP B 173 -22.65 5.12 -6.41
CA TRP B 173 -23.19 5.40 -7.73
C TRP B 173 -22.20 4.96 -8.79
N ARG B 174 -22.74 4.68 -9.98
CA ARG B 174 -21.91 4.16 -11.06
C ARG B 174 -20.88 5.18 -11.54
N GLY B 175 -19.85 4.68 -12.20
CA GLY B 175 -18.82 5.52 -12.76
C GLY B 175 -17.64 5.80 -11.86
N GLY B 176 -17.65 5.24 -10.63
CA GLY B 176 -16.61 5.55 -9.67
C GLY B 176 -15.39 4.66 -9.78
N TYR B 177 -14.37 5.02 -9.02
CA TYR B 177 -13.15 4.25 -8.93
C TYR B 177 -12.58 4.41 -7.53
N HIS B 178 -12.18 3.31 -6.90
CA HIS B 178 -11.70 3.37 -5.52
C HIS B 178 -10.47 2.50 -5.26
N GLY B 179 -9.81 1.98 -6.28
CA GLY B 179 -8.61 1.20 -6.08
C GLY B 179 -8.75 -0.24 -6.57
N ASP B 180 -7.63 -0.97 -6.49
CA ASP B 180 -7.48 -2.26 -7.13
C ASP B 180 -7.48 -3.45 -6.18
N THR B 181 -7.38 -3.24 -4.86
CA THR B 181 -7.59 -4.34 -3.94
C THR B 181 -9.03 -4.82 -4.04
N PHE B 182 -9.30 -6.02 -3.52
CA PHE B 182 -10.54 -6.71 -3.91
C PHE B 182 -11.79 -6.07 -3.30
N LEU B 183 -11.72 -5.53 -2.08
CA LEU B 183 -12.91 -4.84 -1.59
C LEU B 183 -13.11 -3.52 -2.32
N ALA B 184 -12.01 -2.81 -2.60
CA ALA B 184 -12.12 -1.57 -3.36
C ALA B 184 -12.72 -1.83 -4.73
N MET B 185 -12.25 -2.88 -5.42
CA MET B 185 -12.82 -3.26 -6.71
C MET B 185 -14.34 -3.37 -6.64
N SER B 186 -14.89 -3.83 -5.50
CA SER B 186 -16.31 -4.15 -5.42
C SER B 186 -17.19 -2.93 -5.55
N ILE B 187 -16.65 -1.73 -5.34
CA ILE B 187 -17.41 -0.50 -5.51
C ILE B 187 -16.91 0.32 -6.71
N CYS B 188 -15.96 -0.19 -7.47
CA CYS B 188 -15.60 0.45 -8.73
C CYS B 188 -16.72 0.25 -9.76
N ASP B 189 -16.74 1.15 -10.75
CA ASP B 189 -17.72 1.05 -11.83
C ASP B 189 -17.67 -0.34 -12.45
N PRO B 190 -18.81 -1.03 -12.58
CA PRO B 190 -18.75 -2.42 -13.05
C PRO B 190 -18.19 -2.59 -14.44
N HIS B 191 -18.31 -1.57 -15.31
CA HIS B 191 -17.73 -1.70 -16.66
C HIS B 191 -16.25 -1.37 -16.65
N GLY B 192 -15.90 -0.20 -16.13
CA GLY B 192 -14.49 0.14 -15.98
C GLY B 192 -13.73 -0.92 -15.21
N GLY B 193 -14.37 -1.49 -14.20
CA GLY B 193 -13.75 -2.52 -13.40
C GLY B 193 -13.84 -3.93 -13.93
N MET B 194 -14.40 -4.13 -15.11
CA MET B 194 -14.52 -5.45 -15.73
C MET B 194 -15.09 -6.47 -14.74
N HIS B 195 -16.15 -6.07 -14.04
CA HIS B 195 -16.72 -6.95 -13.02
C HIS B 195 -17.27 -8.23 -13.62
N SER B 196 -17.50 -8.27 -14.94
CA SER B 196 -17.91 -9.50 -15.60
C SER B 196 -16.81 -10.55 -15.51
N LEU B 197 -15.54 -10.13 -15.50
CA LEU B 197 -14.43 -11.05 -15.36
C LEU B 197 -14.22 -11.55 -13.95
N TRP B 198 -15.01 -11.06 -12.99
CA TRP B 198 -14.87 -11.43 -11.58
C TRP B 198 -16.19 -11.99 -11.03
N THR B 199 -16.90 -12.74 -11.87
CA THR B 199 -18.08 -13.47 -11.42
C THR B 199 -17.74 -14.36 -10.22
N ASP B 200 -18.55 -14.24 -9.17
CA ASP B 200 -18.43 -15.06 -7.98
C ASP B 200 -17.13 -14.78 -7.21
N VAL B 201 -16.58 -13.58 -7.34
CA VAL B 201 -15.38 -13.26 -6.59
C VAL B 201 -15.65 -12.05 -5.71
N LEU B 202 -16.03 -10.93 -6.31
CA LEU B 202 -16.21 -9.69 -5.57
C LEU B 202 -17.45 -9.74 -4.71
N ALA B 203 -17.43 -8.96 -3.62
CA ALA B 203 -18.65 -8.69 -2.87
C ALA B 203 -19.65 -7.95 -3.75
N ALA B 204 -20.94 -8.27 -3.58
CA ALA B 204 -22.01 -7.67 -4.37
C ALA B 204 -22.50 -6.40 -3.68
N GLN B 205 -22.17 -5.26 -4.24
CA GLN B 205 -22.52 -3.98 -3.63
C GLN B 205 -23.70 -3.36 -4.36
N VAL B 206 -24.31 -2.34 -3.74
CA VAL B 206 -25.48 -1.68 -4.30
C VAL B 206 -25.03 -0.50 -5.13
N PHE B 207 -25.33 -0.53 -6.43
CA PHE B 207 -25.03 0.58 -7.33
C PHE B 207 -26.29 1.32 -7.71
N ALA B 208 -26.28 2.64 -7.49
CA ALA B 208 -27.24 3.56 -8.08
C ALA B 208 -26.77 3.95 -9.47
N PRO B 209 -27.64 4.56 -10.28
CA PRO B 209 -27.23 4.93 -11.64
C PRO B 209 -26.19 6.04 -11.62
N GLN B 210 -25.54 6.20 -12.76
CA GLN B 210 -24.53 7.24 -12.96
C GLN B 210 -25.05 8.59 -12.48
N VAL B 211 -24.27 9.25 -11.62
CA VAL B 211 -24.70 10.56 -11.14
C VAL B 211 -24.60 11.55 -12.30
N PRO B 212 -25.62 12.37 -12.55
CA PRO B 212 -25.57 13.25 -13.71
C PRO B 212 -24.73 14.49 -13.46
N ARG B 213 -24.34 15.12 -14.57
CA ARG B 213 -23.57 16.35 -14.51
C ARG B 213 -24.39 17.48 -13.87
N ASP B 214 -25.61 17.71 -14.34
CA ASP B 214 -26.41 18.83 -13.86
C ASP B 214 -27.31 18.38 -12.71
N TYR B 215 -27.60 19.31 -11.80
CA TYR B 215 -28.35 18.96 -10.61
C TYR B 215 -29.80 18.65 -10.98
N ASP B 216 -30.25 17.46 -10.63
CA ASP B 216 -31.62 17.02 -10.86
C ASP B 216 -32.10 16.39 -9.56
N PRO B 217 -32.95 17.06 -8.78
CA PRO B 217 -33.38 16.48 -7.50
C PRO B 217 -34.04 15.13 -7.64
N ALA B 218 -34.63 14.82 -8.80
CA ALA B 218 -35.19 13.50 -9.02
C ALA B 218 -34.14 12.42 -8.87
N TYR B 219 -32.90 12.69 -9.28
CA TYR B 219 -31.85 11.70 -9.10
C TYR B 219 -31.62 11.41 -7.62
N SER B 220 -31.54 12.45 -6.79
CA SER B 220 -31.35 12.25 -5.36
C SER B 220 -32.55 11.52 -4.76
N ALA B 221 -33.77 11.85 -5.20
CA ALA B 221 -34.95 11.12 -4.71
C ALA B 221 -34.84 9.64 -5.05
N ALA B 222 -34.47 9.32 -6.29
CA ALA B 222 -34.29 7.94 -6.70
C ALA B 222 -33.18 7.24 -5.90
N PHE B 223 -32.07 7.96 -5.66
CA PHE B 223 -31.00 7.41 -4.84
C PHE B 223 -31.49 7.08 -3.44
N GLU B 224 -32.21 8.03 -2.83
CA GLU B 224 -32.74 7.81 -1.48
C GLU B 224 -33.65 6.58 -1.43
N ALA B 225 -34.52 6.40 -2.44
CA ALA B 225 -35.46 5.29 -2.45
C ALA B 225 -34.75 3.95 -2.55
N GLN B 226 -33.73 3.85 -3.42
CA GLN B 226 -32.94 2.63 -3.50
C GLN B 226 -32.20 2.37 -2.20
N LEU B 227 -31.56 3.41 -1.64
CA LEU B 227 -30.87 3.22 -0.38
C LEU B 227 -31.84 2.77 0.71
N ALA B 228 -33.05 3.35 0.73
CA ALA B 228 -34.00 3.09 1.80
C ALA B 228 -34.29 1.61 1.95
N GLN B 229 -34.36 0.89 0.83
CA GLN B 229 -34.71 -0.52 0.93
C GLN B 229 -33.51 -1.40 1.23
N HIS B 230 -32.32 -0.83 1.25
CA HIS B 230 -31.12 -1.54 1.65
C HIS B 230 -30.56 -1.04 2.96
N ALA B 231 -31.18 -0.02 3.55
CA ALA B 231 -30.55 0.72 4.64
C ALA B 231 -30.12 -0.21 5.76
N GLY B 232 -30.92 -1.24 6.05
CA GLY B 232 -30.62 -2.13 7.16
C GLY B 232 -29.49 -3.11 6.90
N GLU B 233 -28.98 -3.18 5.67
CA GLU B 233 -27.79 -3.98 5.37
C GLU B 233 -26.64 -3.13 4.85
N LEU B 234 -26.78 -1.82 4.84
CA LEU B 234 -25.75 -0.93 4.33
C LEU B 234 -24.95 -0.39 5.50
N ALA B 235 -23.63 -0.52 5.41
CA ALA B 235 -22.77 0.16 6.36
C ALA B 235 -22.54 1.62 5.97
N ALA B 236 -22.44 1.90 4.68
CA ALA B 236 -21.91 3.18 4.23
C ALA B 236 -22.26 3.41 2.76
N VAL B 237 -22.32 4.68 2.38
CA VAL B 237 -22.19 5.10 0.99
C VAL B 237 -20.77 5.59 0.77
N VAL B 238 -20.14 5.14 -0.30
CA VAL B 238 -18.79 5.54 -0.68
C VAL B 238 -18.86 6.18 -2.07
N VAL B 239 -18.40 7.43 -2.18
CA VAL B 239 -18.36 8.12 -3.48
C VAL B 239 -17.10 8.99 -3.56
N GLU B 240 -16.66 9.26 -4.81
CA GLU B 240 -15.77 10.39 -5.07
C GLU B 240 -16.60 11.68 -5.16
N PRO B 241 -16.27 12.72 -4.39
CA PRO B 241 -17.07 13.95 -4.42
C PRO B 241 -16.66 14.84 -5.59
N VAL B 242 -17.67 15.31 -6.33
CA VAL B 242 -17.54 16.29 -7.42
C VAL B 242 -16.88 15.69 -8.66
N VAL B 243 -15.72 15.05 -8.51
CA VAL B 243 -14.96 14.57 -9.68
C VAL B 243 -14.76 13.07 -9.58
N GLN B 244 -15.17 12.35 -10.64
CA GLN B 244 -14.95 10.91 -10.77
C GLN B 244 -13.78 10.72 -11.71
N GLY B 245 -12.65 10.25 -11.18
CA GLY B 245 -11.42 10.23 -11.95
C GLY B 245 -11.31 9.09 -12.94
N ALA B 246 -10.83 7.92 -12.48
CA ALA B 246 -10.42 6.84 -13.37
C ALA B 246 -11.60 6.12 -13.99
N GLY B 247 -12.79 6.24 -13.40
CA GLY B 247 -13.98 5.73 -14.05
C GLY B 247 -14.55 6.58 -15.18
N GLY B 248 -13.94 7.73 -15.49
CA GLY B 248 -14.42 8.50 -16.63
C GLY B 248 -14.26 10.02 -16.62
N MET B 249 -13.53 10.60 -15.67
CA MET B 249 -13.31 12.04 -15.61
C MET B 249 -14.63 12.82 -15.76
N ARG B 250 -15.62 12.42 -14.97
CA ARG B 250 -16.94 13.02 -14.97
C ARG B 250 -17.10 13.93 -13.78
N PHE B 251 -17.73 15.08 -13.99
CA PHE B 251 -18.02 16.01 -12.92
C PHE B 251 -19.50 15.94 -12.59
N HIS B 252 -19.85 16.22 -11.34
CA HIS B 252 -21.24 16.33 -10.96
C HIS B 252 -21.43 17.53 -10.05
N ASP B 253 -22.66 18.02 -9.99
CA ASP B 253 -22.95 19.17 -9.17
C ASP B 253 -22.70 18.83 -7.71
N PRO B 254 -21.98 19.67 -6.98
CA PRO B 254 -21.72 19.37 -5.56
C PRO B 254 -22.99 19.22 -4.74
N ARG B 255 -24.08 19.89 -5.13
CA ARG B 255 -25.35 19.77 -4.40
C ARG B 255 -25.77 18.31 -4.23
N TYR B 256 -25.35 17.41 -5.13
CA TYR B 256 -25.59 15.99 -4.91
C TYR B 256 -24.98 15.52 -3.61
N LEU B 257 -23.76 15.97 -3.30
CA LEU B 257 -23.13 15.60 -2.04
C LEU B 257 -23.94 16.08 -0.85
N HIS B 258 -24.52 17.28 -0.96
CA HIS B 258 -25.42 17.75 0.09
C HIS B 258 -26.55 16.75 0.30
N ASP B 259 -27.09 16.20 -0.79
CA ASP B 259 -28.22 15.27 -0.68
C ASP B 259 -27.79 13.96 -0.05
N LEU B 260 -26.66 13.40 -0.48
CA LEU B 260 -26.14 12.18 0.14
C LEU B 260 -25.99 12.35 1.65
N ARG B 261 -25.38 13.46 2.08
CA ARG B 261 -25.24 13.72 3.51
C ARG B 261 -26.57 13.63 4.24
N ASP B 262 -27.59 14.31 3.70
CA ASP B 262 -28.91 14.34 4.33
C ASP B 262 -29.55 12.96 4.29
N ILE B 263 -29.49 12.29 3.13
CA ILE B 263 -29.99 10.93 3.00
C ILE B 263 -29.30 9.99 3.98
N CYS B 264 -27.96 10.01 4.02
CA CYS B 264 -27.23 9.12 4.92
C CYS B 264 -27.58 9.39 6.37
N ARG B 265 -27.64 10.66 6.76
CA ARG B 265 -28.04 11.01 8.12
C ARG B 265 -29.44 10.51 8.45
N ARG B 266 -30.39 10.64 7.51
CA ARG B 266 -31.77 10.26 7.83
C ARG B 266 -31.96 8.76 7.91
N TYR B 267 -31.22 8.00 7.10
CA TYR B 267 -31.42 6.56 7.12
C TYR B 267 -30.36 5.84 7.93
N GLU B 268 -29.51 6.57 8.64
CA GLU B 268 -28.46 5.98 9.47
C GLU B 268 -27.55 5.06 8.65
N VAL B 269 -26.93 5.64 7.63
CA VAL B 269 -25.87 5.00 6.87
C VAL B 269 -24.71 5.98 6.86
N LEU B 270 -23.50 5.48 7.08
CA LEU B 270 -22.33 6.36 7.10
C LEU B 270 -22.01 6.85 5.69
N LEU B 271 -21.34 8.01 5.63
CA LEU B 271 -20.93 8.63 4.37
C LEU B 271 -19.41 8.70 4.29
N ILE B 272 -18.84 8.08 3.27
CA ILE B 272 -17.41 8.05 3.05
C ILE B 272 -17.10 8.84 1.79
N PHE B 273 -16.23 9.84 1.89
CA PHE B 273 -15.76 10.56 0.72
C PHE B 273 -14.36 10.06 0.35
N ASP B 274 -14.22 9.55 -0.86
CA ASP B 274 -12.93 9.15 -1.38
C ASP B 274 -12.34 10.36 -2.08
N GLU B 275 -11.45 11.07 -1.38
CA GLU B 275 -10.79 12.25 -1.95
C GLU B 275 -9.35 11.97 -2.32
N ILE B 276 -9.05 10.73 -2.72
CA ILE B 276 -7.68 10.36 -3.04
C ILE B 276 -7.19 11.05 -4.30
N ALA B 277 -8.08 11.34 -5.25
CA ALA B 277 -7.70 12.13 -6.42
C ALA B 277 -8.16 13.58 -6.33
N THR B 278 -9.19 13.88 -5.56
CA THR B 278 -9.68 15.26 -5.52
C THR B 278 -9.01 16.12 -4.45
N GLY B 279 -8.22 15.52 -3.56
CA GLY B 279 -7.72 16.24 -2.41
C GLY B 279 -6.75 17.34 -2.76
N PHE B 280 -6.58 18.26 -1.79
CA PHE B 280 -5.49 19.25 -1.80
C PHE B 280 -5.57 20.18 -3.01
N GLY B 281 -6.72 20.86 -3.13
CA GLY B 281 -6.88 21.96 -4.07
C GLY B 281 -7.19 21.58 -5.51
N ARG B 282 -7.13 20.29 -5.88
CA ARG B 282 -7.15 19.91 -7.29
C ARG B 282 -8.42 20.37 -8.01
N THR B 283 -9.55 20.45 -7.32
CA THR B 283 -10.80 20.82 -7.98
C THR B 283 -11.22 22.27 -7.70
N GLY B 284 -10.30 23.13 -7.24
CA GLY B 284 -10.60 24.50 -6.96
C GLY B 284 -10.84 24.80 -5.48
N ALA B 285 -11.27 23.80 -4.72
CA ALA B 285 -11.36 23.89 -3.26
C ALA B 285 -10.30 22.98 -2.67
N LEU B 286 -9.93 23.27 -1.41
CA LEU B 286 -8.88 22.49 -0.76
C LEU B 286 -9.24 21.01 -0.77
N PHE B 287 -10.49 20.69 -0.41
CA PHE B 287 -11.04 19.37 -0.63
C PHE B 287 -12.38 19.52 -1.34
N ALA B 288 -12.66 18.58 -2.25
CA ALA B 288 -13.83 18.69 -3.11
C ALA B 288 -15.11 18.73 -2.29
N ALA B 289 -15.13 18.08 -1.12
CA ALA B 289 -16.27 18.18 -0.22
C ALA B 289 -16.61 19.63 0.11
N ASP B 290 -15.60 20.52 0.10
CA ASP B 290 -15.84 21.90 0.45
C ASP B 290 -16.72 22.61 -0.57
N HIS B 291 -16.80 22.12 -1.80
CA HIS B 291 -17.73 22.72 -2.76
C HIS B 291 -19.17 22.60 -2.28
N ALA B 292 -19.49 21.51 -1.60
CA ALA B 292 -20.83 21.32 -1.06
C ALA B 292 -20.98 21.82 0.36
N GLY B 293 -19.87 22.12 1.05
CA GLY B 293 -19.95 22.49 2.46
C GLY B 293 -20.45 21.35 3.30
N VAL B 294 -20.04 20.13 2.98
CA VAL B 294 -20.54 18.97 3.69
C VAL B 294 -19.37 18.18 4.26
N SER B 295 -19.62 17.52 5.38
CA SER B 295 -18.62 16.70 6.05
C SER B 295 -19.01 15.25 5.92
N PRO B 296 -18.11 14.38 5.43
CA PRO B 296 -18.34 12.94 5.50
C PRO B 296 -18.07 12.43 6.92
N ASP B 297 -18.52 11.20 7.17
CA ASP B 297 -18.16 10.54 8.41
C ASP B 297 -16.75 9.99 8.36
N ILE B 298 -16.32 9.62 7.15
CA ILE B 298 -15.02 9.01 6.92
C ILE B 298 -14.47 9.58 5.62
N MET B 299 -13.14 9.79 5.56
CA MET B 299 -12.54 10.41 4.40
C MET B 299 -11.20 9.76 4.07
N CYS B 300 -10.95 9.54 2.77
CA CYS B 300 -9.69 8.99 2.29
C CYS B 300 -8.93 10.02 1.45
N VAL B 301 -7.60 10.08 1.66
CA VAL B 301 -6.69 10.92 0.89
C VAL B 301 -5.46 10.11 0.51
N GLY B 302 -4.77 10.57 -0.53
CA GLY B 302 -3.62 9.83 -0.98
C GLY B 302 -2.72 10.42 -2.04
N LYS B 303 -3.21 10.53 -3.27
CA LYS B 303 -2.32 10.79 -4.45
C LYS B 303 -1.38 11.97 -4.26
N ALA B 304 -1.93 13.13 -3.95
CA ALA B 304 -1.11 14.33 -3.85
C ALA B 304 -0.52 14.55 -2.44
N LEU B 305 -0.85 13.66 -1.50
CA LEU B 305 -0.54 13.88 -0.10
C LEU B 305 0.94 14.17 0.13
N THR B 306 1.83 13.42 -0.53
CA THR B 306 3.27 13.65 -0.41
C THR B 306 3.81 14.57 -1.48
N GLY B 307 2.95 15.29 -2.19
CA GLY B 307 3.42 16.06 -3.34
C GLY B 307 4.02 15.21 -4.45
N GLY B 308 3.59 13.95 -4.57
CA GLY B 308 4.08 13.09 -5.62
C GLY B 308 5.44 12.46 -5.38
N TYR B 309 5.96 12.49 -4.16
CA TYR B 309 7.28 11.93 -3.87
C TYR B 309 7.24 10.45 -3.50
N LEU B 310 6.27 10.05 -2.68
CA LEU B 310 6.33 8.76 -2.01
C LEU B 310 4.91 8.28 -1.77
N SER B 311 4.74 6.96 -1.75
CA SER B 311 3.42 6.40 -1.51
C SER B 311 3.02 6.67 -0.05
N LEU B 312 1.89 7.33 0.13
CA LEU B 312 1.31 7.57 1.45
C LEU B 312 -0.18 7.82 1.27
N ALA B 313 -0.95 7.38 2.26
CA ALA B 313 -2.39 7.63 2.28
C ALA B 313 -2.83 7.83 3.72
N ALA B 314 -4.06 8.28 3.90
CA ALA B 314 -4.65 8.42 5.22
C ALA B 314 -6.16 8.24 5.12
N THR B 315 -6.72 7.66 6.18
CA THR B 315 -8.17 7.59 6.38
C THR B 315 -8.51 8.37 7.64
N LEU B 316 -9.47 9.29 7.54
CA LEU B 316 -9.92 10.10 8.65
C LEU B 316 -11.36 9.79 8.99
N CYS B 317 -11.69 9.84 10.28
CA CYS B 317 -13.06 9.61 10.69
C CYS B 317 -13.41 10.57 11.82
N THR B 318 -14.71 10.68 12.07
CA THR B 318 -15.18 11.53 13.15
C THR B 318 -14.81 10.91 14.50
N ALA B 319 -14.94 11.72 15.56
CA ALA B 319 -14.77 11.20 16.91
C ALA B 319 -15.78 10.10 17.20
N ASP B 320 -17.03 10.29 16.76
CA ASP B 320 -18.08 9.29 16.98
C ASP B 320 -17.70 7.95 16.37
N VAL B 321 -17.15 7.96 15.16
CA VAL B 321 -16.76 6.68 14.57
C VAL B 321 -15.61 6.08 15.36
N ALA B 322 -14.57 6.87 15.61
CA ALA B 322 -13.43 6.41 16.39
C ALA B 322 -13.88 5.75 17.69
N HIS B 323 -14.67 6.47 18.49
CA HIS B 323 -15.05 5.96 19.80
C HIS B 323 -15.97 4.76 19.70
N THR B 324 -16.87 4.74 18.71
CA THR B 324 -17.75 3.58 18.60
C THR B 324 -16.97 2.31 18.27
N ILE B 325 -16.00 2.42 17.36
CA ILE B 325 -15.13 1.28 17.08
C ILE B 325 -14.39 0.87 18.34
N SER B 326 -13.90 1.85 19.11
CA SER B 326 -13.01 1.57 20.25
C SER B 326 -13.78 1.04 21.45
N ALA B 327 -15.02 1.47 21.61
CA ALA B 327 -15.92 0.87 22.59
C ALA B 327 -16.54 -0.40 22.06
N GLY B 328 -16.26 -0.75 20.80
CA GLY B 328 -16.78 -1.99 20.26
C GLY B 328 -16.27 -3.19 21.01
N ALA B 329 -16.95 -4.32 20.79
CA ALA B 329 -16.55 -5.55 21.47
C ALA B 329 -15.14 -5.98 21.06
N ALA B 330 -14.73 -5.70 19.83
CA ALA B 330 -13.37 -6.02 19.43
C ALA B 330 -12.35 -5.15 20.14
N GLY B 331 -12.73 -3.93 20.52
CA GLY B 331 -11.89 -3.04 21.28
C GLY B 331 -10.85 -2.25 20.49
N ALA B 332 -10.79 -2.42 19.17
CA ALA B 332 -9.72 -1.78 18.41
C ALA B 332 -10.03 -1.93 16.92
N LEU B 333 -9.40 -1.08 16.12
CA LEU B 333 -9.42 -1.19 14.67
C LEU B 333 -8.32 -2.18 14.26
N MET B 334 -8.73 -3.32 13.71
CA MET B 334 -7.83 -4.42 13.39
C MET B 334 -7.14 -4.14 12.06
N HIS B 335 -6.19 -3.21 12.09
CA HIS B 335 -5.44 -2.88 10.89
C HIS B 335 -4.14 -2.19 11.34
N GLY B 336 -3.07 -2.44 10.59
CA GLY B 336 -1.78 -1.93 10.98
C GLY B 336 -0.69 -2.23 9.97
N PRO B 337 -0.55 -1.35 8.98
CA PRO B 337 0.45 -1.59 7.92
C PRO B 337 1.87 -1.41 8.46
N THR B 338 2.76 -2.27 7.98
CA THR B 338 4.13 -2.29 8.47
C THR B 338 4.75 -0.89 8.49
N PHE B 339 4.61 -0.16 7.40
CA PHE B 339 5.23 1.15 7.29
C PHE B 339 4.30 2.28 7.70
N MET B 340 3.27 1.98 8.48
CA MET B 340 2.30 2.97 8.94
C MET B 340 3.00 4.21 9.46
N ALA B 341 2.61 5.38 8.92
CA ALA B 341 3.10 6.68 9.41
C ALA B 341 4.60 6.83 9.22
N ASN B 342 5.13 6.28 8.12
CA ASN B 342 6.53 6.37 7.78
C ASN B 342 7.05 7.81 7.95
N PRO B 343 8.06 8.02 8.80
CA PRO B 343 8.60 9.39 9.00
C PRO B 343 9.06 10.09 7.72
N LEU B 344 9.67 9.40 6.77
CA LEU B 344 10.08 10.07 5.53
C LEU B 344 8.87 10.57 4.73
N ALA B 345 7.86 9.73 4.52
CA ALA B 345 6.71 10.16 3.73
C ALA B 345 5.89 11.21 4.46
N CYS B 346 5.81 11.12 5.79
CA CYS B 346 5.06 12.10 6.55
C CYS B 346 5.73 13.46 6.51
N ALA B 347 7.06 13.47 6.56
CA ALA B 347 7.80 14.73 6.60
C ALA B 347 7.67 15.48 5.29
N VAL B 348 7.79 14.78 4.16
CA VAL B 348 7.64 15.47 2.89
C VAL B 348 6.19 15.91 2.71
N SER B 349 5.25 15.07 3.12
CA SER B 349 3.84 15.44 3.04
C SER B 349 3.57 16.70 3.85
N VAL B 350 4.18 16.80 5.04
CA VAL B 350 4.07 18.00 5.85
C VAL B 350 4.48 19.22 5.05
N ALA B 351 5.64 19.14 4.40
CA ALA B 351 6.14 20.26 3.61
C ALA B 351 5.22 20.53 2.43
N SER B 352 4.76 19.46 1.77
CA SER B 352 3.86 19.64 0.63
C SER B 352 2.59 20.37 1.04
N VAL B 353 2.00 19.98 2.17
CA VAL B 353 0.76 20.61 2.63
C VAL B 353 1.03 22.06 3.03
N GLU B 354 2.06 22.29 3.84
CA GLU B 354 2.39 23.64 4.27
C GLU B 354 2.72 24.54 3.07
N LEU B 355 3.46 24.00 2.09
CA LEU B 355 3.73 24.75 0.86
C LEU B 355 2.44 25.14 0.14
N LEU B 356 1.42 24.27 0.19
CA LEU B 356 0.17 24.58 -0.46
C LEU B 356 -0.60 25.64 0.30
N LEU B 357 -0.71 25.47 1.62
CA LEU B 357 -1.39 26.46 2.43
C LEU B 357 -0.60 27.76 2.55
N GLY B 358 0.71 27.73 2.33
CA GLY B 358 1.54 28.91 2.45
C GLY B 358 1.46 29.89 1.29
N GLN B 359 0.63 29.62 0.29
CA GLN B 359 0.48 30.48 -0.88
C GLN B 359 -1.00 30.74 -1.12
N ASP B 360 -1.29 31.64 -2.06
CA ASP B 360 -2.67 31.90 -2.47
C ASP B 360 -3.08 30.82 -3.48
N TRP B 361 -3.27 29.61 -2.94
CA TRP B 361 -3.54 28.45 -3.78
C TRP B 361 -4.88 28.56 -4.50
N ARG B 362 -5.88 29.18 -3.88
CA ARG B 362 -7.18 29.28 -4.54
C ARG B 362 -7.09 30.11 -5.80
N THR B 363 -6.41 31.26 -5.72
CA THR B 363 -6.14 32.05 -6.92
C THR B 363 -5.36 31.23 -7.94
N ARG B 364 -4.35 30.49 -7.50
CA ARG B 364 -3.55 29.72 -8.42
C ARG B 364 -4.42 28.75 -9.24
N ILE B 365 -5.28 28.00 -8.57
CA ILE B 365 -6.08 27.00 -9.28
C ILE B 365 -7.06 27.68 -10.23
N THR B 366 -7.66 28.79 -9.80
CA THR B 366 -8.57 29.54 -10.67
C THR B 366 -7.90 29.95 -11.97
N GLU B 367 -6.68 30.48 -11.89
CA GLU B 367 -5.94 30.83 -13.10
C GLU B 367 -5.68 29.60 -13.95
N LEU B 368 -5.32 28.49 -13.33
CA LEU B 368 -5.09 27.26 -14.08
C LEU B 368 -6.37 26.82 -14.80
N ALA B 369 -7.50 26.85 -14.09
CA ALA B 369 -8.79 26.52 -14.70
C ALA B 369 -9.10 27.43 -15.88
N ALA B 370 -8.89 28.74 -15.72
CA ALA B 370 -9.13 29.67 -16.82
C ALA B 370 -8.18 29.41 -17.98
N GLY B 371 -6.94 29.04 -17.68
CA GLY B 371 -6.03 28.68 -18.75
C GLY B 371 -6.52 27.45 -19.50
N LEU B 372 -7.02 26.45 -18.76
CA LEU B 372 -7.48 25.22 -19.42
C LEU B 372 -8.73 25.48 -20.25
N THR B 373 -9.66 26.27 -19.70
CA THR B 373 -10.88 26.61 -20.43
C THR B 373 -10.55 27.32 -21.75
N ALA B 374 -9.62 28.28 -21.70
CA ALA B 374 -9.28 29.03 -22.90
C ALA B 374 -8.55 28.14 -23.90
N GLY B 375 -7.62 27.32 -23.41
CA GLY B 375 -6.81 26.51 -24.31
C GLY B 375 -7.58 25.43 -25.02
N LEU B 376 -8.59 24.86 -24.36
CA LEU B 376 -9.33 23.73 -24.91
C LEU B 376 -10.60 24.15 -25.64
N ASP B 377 -10.97 25.43 -25.59
CA ASP B 377 -12.23 25.87 -26.18
C ASP B 377 -12.30 25.55 -27.67
N THR B 378 -11.17 25.66 -28.38
CA THR B 378 -11.09 25.28 -29.79
C THR B 378 -11.68 23.90 -30.03
N ALA B 379 -11.46 22.97 -29.11
CA ALA B 379 -11.78 21.57 -29.35
C ALA B 379 -13.27 21.31 -29.41
N ARG B 380 -14.11 22.21 -28.91
CA ARG B 380 -15.55 21.97 -28.93
C ARG B 380 -16.06 21.80 -30.37
N ALA B 381 -15.57 22.65 -31.27
CA ALA B 381 -16.04 22.64 -32.65
C ALA B 381 -15.44 21.52 -33.48
N LEU B 382 -14.50 20.74 -32.93
CA LEU B 382 -13.90 19.65 -33.69
C LEU B 382 -14.93 18.54 -33.88
N PRO B 383 -14.84 17.79 -35.00
CA PRO B 383 -15.92 16.84 -35.31
C PRO B 383 -16.01 15.68 -34.34
N ALA B 384 -14.89 15.18 -33.84
CA ALA B 384 -14.93 13.97 -33.03
C ALA B 384 -15.18 14.25 -31.55
N VAL B 385 -15.36 15.51 -31.16
CA VAL B 385 -15.44 15.89 -29.76
C VAL B 385 -16.89 16.03 -29.35
N THR B 386 -17.26 15.32 -28.29
CA THR B 386 -18.60 15.42 -27.71
C THR B 386 -18.67 16.34 -26.51
N ASP B 387 -17.55 16.61 -25.83
CA ASP B 387 -17.61 17.47 -24.67
C ASP B 387 -16.24 17.99 -24.32
N VAL B 388 -16.21 19.20 -23.78
CA VAL B 388 -15.00 19.78 -23.19
C VAL B 388 -15.40 20.31 -21.83
N ARG B 389 -14.71 19.86 -20.78
CA ARG B 389 -15.09 20.24 -19.43
C ARG B 389 -13.86 20.52 -18.58
N VAL B 390 -14.01 21.47 -17.67
CA VAL B 390 -12.93 21.91 -16.80
C VAL B 390 -13.47 22.05 -15.38
N CYS B 391 -12.71 21.52 -14.41
CA CYS B 391 -13.00 21.68 -12.98
C CYS B 391 -11.66 21.87 -12.29
N GLY B 392 -11.48 23.03 -11.66
CA GLY B 392 -10.16 23.38 -11.12
C GLY B 392 -9.04 23.07 -12.10
N ALA B 393 -7.96 22.45 -11.63
CA ALA B 393 -6.82 22.11 -12.48
C ALA B 393 -6.99 20.75 -13.14
N ILE B 394 -8.13 20.60 -13.83
CA ILE B 394 -8.48 19.38 -14.55
C ILE B 394 -9.21 19.81 -15.81
N GLY B 395 -8.72 19.38 -16.96
CA GLY B 395 -9.39 19.65 -18.22
C GLY B 395 -9.55 18.38 -19.01
N VAL B 396 -10.73 18.20 -19.61
CA VAL B 396 -11.08 16.96 -20.31
C VAL B 396 -11.66 17.27 -21.69
N ILE B 397 -11.14 16.60 -22.71
CA ILE B 397 -11.78 16.54 -24.01
C ILE B 397 -12.36 15.14 -24.15
N GLU B 398 -13.67 15.04 -24.20
CA GLU B 398 -14.31 13.75 -24.45
C GLU B 398 -14.59 13.59 -25.94
N CYS B 399 -14.24 12.42 -26.47
CA CYS B 399 -14.34 12.13 -27.89
C CYS B 399 -15.41 11.09 -28.15
N ASP B 400 -15.81 10.99 -29.42
CA ASP B 400 -16.87 10.08 -29.85
C ASP B 400 -16.36 8.70 -30.23
N ARG B 401 -15.10 8.39 -29.92
CA ARG B 401 -14.56 7.07 -30.24
C ARG B 401 -13.28 6.88 -29.43
N PRO B 402 -12.79 5.65 -29.32
CA PRO B 402 -11.53 5.43 -28.60
C PRO B 402 -10.41 6.27 -29.19
N VAL B 403 -9.52 6.73 -28.30
CA VAL B 403 -8.32 7.46 -28.70
C VAL B 403 -7.22 6.44 -28.96
N ASP B 404 -6.72 6.40 -30.19
CA ASP B 404 -5.62 5.50 -30.52
C ASP B 404 -4.33 6.03 -29.93
N LEU B 405 -3.84 5.39 -28.87
CA LEU B 405 -2.63 5.88 -28.21
C LEU B 405 -1.43 5.82 -29.15
N ALA B 406 -1.41 4.87 -30.09
CA ALA B 406 -0.27 4.75 -30.99
C ALA B 406 -0.08 6.01 -31.82
N VAL B 407 -1.14 6.79 -32.02
CA VAL B 407 -1.05 8.07 -32.72
C VAL B 407 -0.97 9.24 -31.75
N ALA B 408 -1.74 9.20 -30.66
CA ALA B 408 -1.80 10.36 -29.77
C ALA B 408 -0.47 10.61 -29.07
N THR B 409 0.23 9.54 -28.65
CA THR B 409 1.44 9.74 -27.86
C THR B 409 2.56 10.38 -28.66
N PRO B 410 2.90 9.93 -29.88
CA PRO B 410 3.89 10.69 -30.65
C PRO B 410 3.47 12.10 -30.96
N ALA B 411 2.17 12.32 -31.23
CA ALA B 411 1.71 13.67 -31.51
C ALA B 411 1.98 14.61 -30.35
N ALA B 412 1.61 14.21 -29.14
CA ALA B 412 1.83 15.08 -27.99
C ALA B 412 3.31 15.27 -27.71
N LEU B 413 4.11 14.21 -27.84
CA LEU B 413 5.55 14.31 -27.60
C LEU B 413 6.18 15.33 -28.54
N ASP B 414 5.84 15.26 -29.84
CA ASP B 414 6.42 16.22 -30.78
C ASP B 414 6.11 17.65 -30.39
N ARG B 415 5.05 17.88 -29.61
CA ARG B 415 4.77 19.19 -29.04
C ARG B 415 5.34 19.35 -27.64
N GLY B 416 6.18 18.42 -27.21
CA GLY B 416 6.79 18.52 -25.89
C GLY B 416 5.82 18.40 -24.72
N VAL B 417 4.83 17.53 -24.84
CA VAL B 417 3.87 17.32 -23.76
C VAL B 417 3.66 15.83 -23.57
N TRP B 418 3.76 15.36 -22.33
CA TRP B 418 3.44 13.98 -21.97
C TRP B 418 1.96 13.89 -21.67
N LEU B 419 1.23 13.19 -22.53
CA LEU B 419 -0.19 12.96 -22.39
C LEU B 419 -0.45 11.46 -22.37
N ARG B 420 -1.46 11.05 -21.62
CA ARG B 420 -1.84 9.64 -21.52
C ARG B 420 -3.35 9.56 -21.59
N PRO B 421 -3.90 9.60 -22.80
CA PRO B 421 -5.35 9.38 -22.94
C PRO B 421 -5.70 7.95 -22.53
N PHE B 422 -6.98 7.74 -22.23
CA PHE B 422 -7.50 6.39 -22.15
C PHE B 422 -8.96 6.40 -22.55
N ARG B 423 -9.42 5.28 -23.12
CA ARG B 423 -10.76 5.14 -23.69
C ARG B 423 -10.96 6.33 -24.63
N ASN B 424 -12.03 7.13 -24.49
CA ASN B 424 -12.29 8.24 -25.39
C ASN B 424 -12.00 9.60 -24.75
N LEU B 425 -11.04 9.63 -23.83
CA LEU B 425 -10.77 10.82 -23.04
C LEU B 425 -9.37 11.32 -23.33
N VAL B 426 -9.25 12.60 -23.70
CA VAL B 426 -7.98 13.30 -23.74
C VAL B 426 -8.04 14.35 -22.63
N TYR B 427 -7.18 14.21 -21.62
CA TYR B 427 -7.34 15.04 -20.43
C TYR B 427 -5.98 15.27 -19.78
N ALA B 428 -5.97 16.20 -18.82
CA ALA B 428 -4.76 16.63 -18.12
C ALA B 428 -5.13 17.09 -16.71
N MET B 429 -4.19 16.86 -15.78
CA MET B 429 -4.27 17.37 -14.41
C MET B 429 -2.89 17.93 -14.11
N PRO B 430 -2.63 19.15 -14.54
CA PRO B 430 -1.25 19.65 -14.59
C PRO B 430 -0.76 20.11 -13.22
N PRO B 431 0.55 20.12 -13.02
CA PRO B 431 1.10 20.63 -11.77
C PRO B 431 0.66 22.06 -11.54
N TYR B 432 0.50 22.40 -10.27
CA TYR B 432 0.02 23.73 -9.95
C TYR B 432 1.02 24.80 -10.37
N ILE B 433 2.29 24.43 -10.56
CA ILE B 433 3.34 25.39 -10.89
C ILE B 433 3.42 25.68 -12.38
N CYS B 434 2.56 25.09 -13.20
CA CYS B 434 2.58 25.38 -14.62
C CYS B 434 2.28 26.85 -14.89
N THR B 435 3.16 27.50 -15.66
CA THR B 435 2.94 28.87 -16.09
C THR B 435 1.87 28.93 -17.18
N PRO B 436 1.27 30.12 -17.41
CA PRO B 436 0.29 30.27 -18.50
C PRO B 436 0.79 29.73 -19.82
N ALA B 437 2.06 29.94 -20.14
CA ALA B 437 2.61 29.44 -21.39
C ALA B 437 2.58 27.92 -21.42
N GLU B 438 2.88 27.29 -20.28
CA GLU B 438 2.90 25.83 -20.23
C GLU B 438 1.49 25.25 -20.34
N ILE B 439 0.50 25.91 -19.74
CA ILE B 439 -0.88 25.47 -19.95
C ILE B 439 -1.25 25.57 -21.42
N THR B 440 -0.91 26.69 -22.05
CA THR B 440 -1.21 26.87 -23.47
C THR B 440 -0.51 25.79 -24.31
N GLN B 441 0.71 25.42 -23.95
CA GLN B 441 1.36 24.31 -24.63
C GLN B 441 0.65 22.98 -24.35
N ILE B 442 0.24 22.74 -23.11
CA ILE B 442 -0.45 21.50 -22.78
C ILE B 442 -1.78 21.40 -23.53
N THR B 443 -2.60 22.45 -23.46
CA THR B 443 -3.92 22.40 -24.12
C THR B 443 -3.78 22.32 -25.64
N SER B 444 -2.84 23.06 -26.22
CA SER B 444 -2.64 22.98 -27.66
C SER B 444 -2.33 21.55 -28.09
N ALA B 445 -1.50 20.85 -27.32
CA ALA B 445 -1.23 19.44 -27.62
C ALA B 445 -2.51 18.59 -27.49
N MET B 446 -3.32 18.84 -26.45
CA MET B 446 -4.58 18.10 -26.29
C MET B 446 -5.53 18.37 -27.45
N VAL B 447 -5.66 19.63 -27.86
CA VAL B 447 -6.54 19.97 -28.97
C VAL B 447 -6.09 19.25 -30.23
N GLU B 448 -4.78 19.22 -30.48
CA GLU B 448 -4.28 18.56 -31.68
C GLU B 448 -4.51 17.06 -31.62
N VAL B 449 -4.34 16.46 -30.45
CA VAL B 449 -4.65 15.04 -30.30
C VAL B 449 -6.09 14.77 -30.68
N ALA B 450 -7.00 15.63 -30.23
CA ALA B 450 -8.41 15.51 -30.59
C ALA B 450 -8.65 15.78 -32.06
N ARG B 451 -7.79 16.59 -32.70
CA ARG B 451 -7.95 16.84 -34.12
C ARG B 451 -7.67 15.57 -34.92
N LEU B 452 -6.62 14.84 -34.54
CA LEU B 452 -6.29 13.61 -35.25
C LEU B 452 -7.31 12.50 -35.01
N VAL B 453 -8.10 12.58 -33.94
CA VAL B 453 -9.13 11.56 -33.67
C VAL B 453 -10.13 11.51 -34.82
N GLY B 454 -10.46 12.66 -35.39
CA GLY B 454 -11.34 12.73 -36.54
C GLY B 454 -10.76 12.06 -37.79
N SER B 455 -9.67 12.62 -38.31
CA SER B 455 -9.04 12.07 -39.51
C SER B 455 -8.69 10.58 -39.35
#